data_3CC5
#
_entry.id   3CC5
#
_cell.length_a   67.200
_cell.length_b   165.400
_cell.length_c   161.300
_cell.angle_alpha   90.00
_cell.angle_beta   90.00
_cell.angle_gamma   90.00
#
_symmetry.space_group_name_H-M   'C 2 2 21'
#
loop_
_entity.id
_entity.type
_entity.pdbx_description
1 polymer 'H-2 class I histocompatibility antigen, D-B alpha chain'
2 polymer Beta-2-microglobulin
3 polymer 'nonameric peptide from Melanocyte protein Pmel 17'
4 non-polymer 'SULFATE ION'
5 non-polymer GLYCEROL
6 water water
#
loop_
_entity_poly.entity_id
_entity_poly.type
_entity_poly.pdbx_seq_one_letter_code
_entity_poly.pdbx_strand_id
1 'polypeptide(L)'
;GPHSMRYFETAVSRPGLEEPRYISVGYVDNKEFVRFDSDAENPRYEPRAPWMEQEGPEYWERETQKAKGQEQWFRVSLRN
LLGYYNQSAGGSHTLQQMSGCDLGSDWRLLRGYLQFAYEGRDYIALNEDLKTWTAADMAAQITRRKWEQSGAAEHYKAYL
EGECVEWLHRYLKNGNATLLRTDSPKAHVTHHPRSKGEVTLRCWALGFYPADITLTWQLNGEELTQDMELVETRPAGDGT
FQKWASVVVPLGKEQNYTCRVYHEGLPEPLTLRWEP
;
A,D
2 'polypeptide(L)'
;IQKTPQIQVYSRHPPENGKPNILNCYVTQFHPPHIEIQMLKNGKKIPKVEMSDMSFSKDWSFYILAHTEFTPTETDTYAC
RVKHDSMAEPKTVYWDRDM
;
B,E
3 'polypeptide(L)' KVPRNQDWL C,F
#
# COMPACT_ATOMS: atom_id res chain seq x y z
N GLY A 1 5.96 1.56 -6.60
CA GLY A 1 4.76 0.81 -6.36
C GLY A 1 5.12 -0.51 -5.70
N PRO A 2 4.15 -1.38 -5.40
CA PRO A 2 4.27 -2.61 -4.56
C PRO A 2 4.41 -4.10 -5.15
N HIS A 3 5.59 -4.31 -5.62
CA HIS A 3 6.07 -5.41 -6.44
C HIS A 3 6.28 -6.68 -5.62
N SER A 4 6.07 -7.84 -6.25
CA SER A 4 6.26 -9.11 -5.56
C SER A 4 6.91 -10.18 -6.41
N MET A 5 7.52 -11.17 -5.76
CA MET A 5 8.02 -12.35 -6.47
C MET A 5 7.59 -13.53 -5.64
N ARG A 6 7.13 -14.60 -6.30
CA ARG A 6 6.77 -15.82 -5.57
C ARG A 6 7.23 -17.00 -6.38
N TYR A 7 7.62 -18.04 -5.68
CA TYR A 7 7.83 -19.34 -6.28
C TYR A 7 6.91 -20.29 -5.62
N PHE A 8 6.11 -21.01 -6.41
CA PHE A 8 5.07 -21.92 -5.90
C PHE A 8 5.52 -23.29 -6.37
N GLU A 9 5.74 -24.20 -5.44
CA GLU A 9 6.32 -25.49 -5.74
C GLU A 9 5.34 -26.57 -5.33
N THR A 10 5.24 -27.62 -6.14
CA THR A 10 4.31 -28.72 -5.86
C THR A 10 5.05 -30.05 -6.10
N ALA A 11 4.89 -31.01 -5.18
CA ALA A 11 5.32 -32.38 -5.44
C ALA A 11 4.15 -33.31 -5.21
N VAL A 12 3.90 -34.23 -6.13
CA VAL A 12 2.75 -35.14 -6.00
C VAL A 12 3.23 -36.58 -6.07
N SER A 13 2.89 -37.40 -5.07
CA SER A 13 3.46 -38.75 -5.04
C SER A 13 2.63 -39.62 -5.98
N ARG A 14 3.22 -40.73 -6.42
CA ARG A 14 2.58 -41.59 -7.44
C ARG A 14 2.47 -43.04 -6.97
N PRO A 15 1.45 -43.78 -7.45
CA PRO A 15 1.29 -45.20 -7.11
C PRO A 15 2.51 -46.09 -7.42
N GLY A 16 2.66 -47.17 -6.66
CA GLY A 16 3.77 -48.11 -6.87
C GLY A 16 5.09 -47.58 -6.35
N LEU A 17 6.17 -47.77 -7.12
CA LEU A 17 7.48 -47.25 -6.74
C LEU A 17 7.86 -46.07 -7.65
N GLU A 18 6.85 -45.38 -8.17
CA GLU A 18 7.11 -44.28 -9.09
C GLU A 18 7.60 -43.05 -8.33
N GLU A 19 8.35 -42.19 -9.01
CA GLU A 19 8.91 -40.99 -8.40
C GLU A 19 7.85 -39.90 -8.38
N PRO A 20 7.91 -38.96 -7.41
CA PRO A 20 6.90 -37.91 -7.40
C PRO A 20 7.09 -37.03 -8.63
N ARG A 21 6.06 -36.28 -9.00
CA ARG A 21 6.24 -35.28 -10.00
C ARG A 21 6.43 -33.99 -9.26
N TYR A 22 7.32 -33.15 -9.77
CA TYR A 22 7.69 -31.90 -9.12
C TYR A 22 7.55 -30.78 -10.11
N ILE A 23 6.83 -29.72 -9.73
CA ILE A 23 6.62 -28.57 -10.60
C ILE A 23 6.95 -27.34 -9.76
N SER A 24 7.67 -26.42 -10.36
CA SER A 24 7.99 -25.14 -9.73
C SER A 24 7.72 -24.02 -10.70
N VAL A 25 6.97 -23.02 -10.25
CA VAL A 25 6.58 -21.88 -11.05
C VAL A 25 6.92 -20.60 -10.30
N GLY A 26 7.49 -19.65 -11.03
CA GLY A 26 7.91 -18.39 -10.46
C GLY A 26 7.06 -17.25 -11.02
N TYR A 27 6.82 -16.23 -10.21
CA TYR A 27 5.87 -15.16 -10.56
C TYR A 27 6.54 -13.88 -10.19
N VAL A 28 6.51 -12.89 -11.09
CA VAL A 28 6.87 -11.53 -10.75
C VAL A 28 5.61 -10.68 -10.97
N ASP A 29 5.23 -9.88 -9.97
CA ASP A 29 3.99 -9.11 -10.04
C ASP A 29 2.81 -9.97 -10.54
N ASN A 30 2.76 -11.20 -10.04
CA ASN A 30 1.67 -12.14 -10.26
C ASN A 30 1.56 -12.72 -11.65
N LYS A 31 2.58 -12.52 -12.47
CA LYS A 31 2.62 -13.09 -13.80
C LYS A 31 3.73 -14.14 -13.86
N GLU A 32 3.38 -15.33 -14.32
CA GLU A 32 4.35 -16.42 -14.41
C GLU A 32 5.53 -16.00 -15.25
N PHE A 33 6.75 -16.25 -14.77
CA PHE A 33 7.94 -15.84 -15.53
C PHE A 33 8.91 -17.00 -15.79
N VAL A 34 8.86 -18.06 -14.97
CA VAL A 34 9.73 -19.24 -15.19
C VAL A 34 9.00 -20.49 -14.72
N ARG A 35 9.31 -21.66 -15.29
CA ARG A 35 8.65 -22.89 -14.83
C ARG A 35 9.59 -24.08 -14.98
N PHE A 36 9.53 -25.02 -14.04
CA PHE A 36 10.25 -26.30 -14.11
C PHE A 36 9.24 -27.41 -13.88
N ASP A 37 9.28 -28.47 -14.69
CA ASP A 37 8.33 -29.57 -14.52
C ASP A 37 9.05 -30.89 -14.79
N SER A 38 9.07 -31.79 -13.82
CA SER A 38 9.85 -33.01 -13.95
C SER A 38 9.24 -33.96 -14.96
N ASP A 39 8.02 -33.68 -15.45
CA ASP A 39 7.40 -34.54 -16.47
C ASP A 39 7.91 -34.16 -17.86
N ALA A 40 8.67 -33.08 -17.94
CA ALA A 40 9.19 -32.60 -19.24
C ALA A 40 10.24 -33.55 -19.76
N GLU A 41 10.45 -33.54 -21.07
CA GLU A 41 11.36 -34.48 -21.68
C GLU A 41 12.79 -34.23 -21.21
N ASN A 42 13.14 -32.96 -21.06
CA ASN A 42 14.44 -32.57 -20.54
C ASN A 42 14.24 -31.53 -19.48
N PRO A 43 13.83 -31.97 -18.26
CA PRO A 43 13.43 -31.02 -17.25
C PRO A 43 14.49 -29.97 -17.01
N ARG A 44 14.09 -28.71 -17.08
CA ARG A 44 14.99 -27.58 -16.92
C ARG A 44 14.07 -26.43 -16.55
N TYR A 45 14.57 -25.43 -15.81
CA TYR A 45 13.83 -24.16 -15.68
C TYR A 45 13.84 -23.46 -17.01
N GLU A 46 12.68 -22.97 -17.43
CA GLU A 46 12.53 -22.37 -18.74
C GLU A 46 11.87 -21.03 -18.57
N PRO A 47 12.21 -20.06 -19.44
CA PRO A 47 11.57 -18.77 -19.39
C PRO A 47 10.12 -18.88 -19.80
N ARG A 48 9.30 -17.99 -19.26
CA ARG A 48 7.88 -17.98 -19.52
C ARG A 48 7.41 -16.56 -19.80
N ALA A 49 8.35 -15.62 -19.71
CA ALA A 49 8.12 -14.27 -20.20
C ALA A 49 9.28 -13.95 -21.13
N PRO A 50 9.01 -13.20 -22.20
CA PRO A 50 10.09 -12.99 -23.17
C PRO A 50 11.29 -12.23 -22.58
N TRP A 51 11.05 -11.31 -21.66
CA TRP A 51 12.13 -10.59 -20.99
C TRP A 51 13.08 -11.45 -20.14
N MET A 52 12.75 -12.73 -19.94
CA MET A 52 13.64 -13.63 -19.20
C MET A 52 14.72 -14.20 -20.11
N GLU A 53 14.54 -13.98 -21.40
CA GLU A 53 15.50 -14.44 -22.39
C GLU A 53 16.87 -13.79 -22.23
N GLN A 54 16.91 -12.66 -21.52
CA GLN A 54 18.16 -11.90 -21.31
C GLN A 54 19.18 -12.71 -20.51
N GLU A 55 18.69 -13.62 -19.65
CA GLU A 55 19.59 -14.34 -18.75
C GLU A 55 20.39 -15.39 -19.50
N GLY A 56 21.68 -15.49 -19.16
CA GLY A 56 22.58 -16.37 -19.87
C GLY A 56 22.52 -17.82 -19.43
N PRO A 57 23.24 -18.69 -20.15
CA PRO A 57 23.25 -20.12 -19.92
C PRO A 57 23.53 -20.54 -18.47
N GLU A 58 24.36 -19.77 -17.77
CA GLU A 58 24.74 -20.09 -16.40
C GLU A 58 23.58 -19.95 -15.42
N TYR A 59 22.86 -18.85 -15.55
CA TYR A 59 21.67 -18.62 -14.77
C TYR A 59 20.76 -19.85 -14.85
N TRP A 60 20.42 -20.27 -16.07
CA TRP A 60 19.51 -21.38 -16.26
C TRP A 60 20.07 -22.69 -15.72
N GLU A 61 21.37 -22.89 -15.91
CA GLU A 61 21.98 -24.11 -15.40
C GLU A 61 21.91 -24.13 -13.88
N ARG A 62 22.19 -23.00 -13.24
CA ARG A 62 22.12 -22.99 -11.79
C ARG A 62 20.69 -23.12 -11.22
N GLU A 63 19.74 -22.42 -11.81
CA GLU A 63 18.34 -22.59 -11.42
C GLU A 63 17.87 -24.04 -11.56
N THR A 64 18.21 -24.65 -12.69
CA THR A 64 17.90 -26.06 -12.93
C THR A 64 18.53 -26.96 -11.86
N GLN A 65 19.80 -26.70 -11.52
CA GLN A 65 20.46 -27.53 -10.51
C GLN A 65 19.74 -27.40 -9.17
N LYS A 66 19.33 -26.18 -8.83
CA LYS A 66 18.54 -25.97 -7.61
C LYS A 66 17.18 -26.68 -7.62
N ALA A 67 16.47 -26.55 -8.73
CA ALA A 67 15.25 -27.35 -8.91
C ALA A 67 15.48 -28.83 -8.66
N LYS A 68 16.53 -29.39 -9.24
CA LYS A 68 16.79 -30.82 -9.02
C LYS A 68 17.02 -31.14 -7.53
N GLY A 69 17.62 -30.20 -6.80
CA GLY A 69 17.83 -30.46 -5.38
C GLY A 69 16.50 -30.38 -4.65
N GLN A 70 15.68 -29.41 -5.03
CA GLN A 70 14.35 -29.26 -4.43
C GLN A 70 13.51 -30.52 -4.68
N GLU A 71 13.62 -31.05 -5.89
CA GLU A 71 12.88 -32.28 -6.24
C GLU A 71 13.21 -33.42 -5.28
N GLN A 72 14.48 -33.60 -4.95
CA GLN A 72 14.83 -34.63 -3.99
C GLN A 72 14.38 -34.30 -2.57
N TRP A 73 14.50 -33.03 -2.19
CA TRP A 73 14.03 -32.56 -0.87
C TRP A 73 12.54 -32.87 -0.70
N PHE A 74 11.74 -32.59 -1.74
CA PHE A 74 10.30 -32.91 -1.70
C PHE A 74 10.05 -34.43 -1.61
N ARG A 75 10.83 -35.20 -2.36
CA ARG A 75 10.68 -36.65 -2.29
C ARG A 75 10.89 -37.13 -0.85
N VAL A 76 11.97 -36.68 -0.23
CA VAL A 76 12.27 -37.16 1.12
C VAL A 76 11.22 -36.69 2.11
N SER A 77 10.82 -35.42 1.98
CA SER A 77 9.82 -34.80 2.86
C SER A 77 8.48 -35.52 2.77
N LEU A 78 8.03 -35.80 1.56
CA LEU A 78 6.83 -36.62 1.39
C LEU A 78 6.95 -37.92 2.18
N ARG A 79 8.10 -38.59 2.05
CA ARG A 79 8.26 -39.86 2.74
C ARG A 79 8.18 -39.65 4.25
N ASN A 80 8.78 -38.58 4.72
CA ASN A 80 8.77 -38.27 6.15
C ASN A 80 7.36 -38.06 6.67
N LEU A 81 6.57 -37.32 5.88
CA LEU A 81 5.19 -37.03 6.26
C LEU A 81 4.35 -38.30 6.34
N LEU A 82 4.61 -39.23 5.42
CA LEU A 82 3.89 -40.49 5.45
C LEU A 82 4.10 -41.13 6.82
N GLY A 83 5.30 -40.96 7.37
CA GLY A 83 5.58 -41.47 8.69
C GLY A 83 4.84 -40.75 9.81
N TYR A 84 4.94 -39.42 9.83
CA TYR A 84 4.30 -38.63 10.88
C TYR A 84 2.82 -38.96 11.00
N TYR A 85 2.16 -39.11 9.86
CA TYR A 85 0.70 -39.27 9.87
C TYR A 85 0.27 -40.73 9.81
N ASN A 86 1.21 -41.64 10.03
CA ASN A 86 0.95 -43.08 9.99
C ASN A 86 0.13 -43.48 8.76
N GLN A 87 0.49 -42.92 7.61
CA GLN A 87 -0.19 -43.22 6.35
C GLN A 87 0.49 -44.35 5.61
N SER A 88 -0.31 -45.10 4.85
CA SER A 88 0.20 -46.23 4.09
C SER A 88 0.89 -45.77 2.82
N ALA A 89 2.07 -46.32 2.55
CA ALA A 89 2.87 -45.95 1.38
C ALA A 89 2.17 -46.33 0.09
N GLY A 90 2.56 -45.69 -1.01
CA GLY A 90 2.00 -45.98 -2.31
C GLY A 90 0.61 -45.40 -2.50
N GLY A 91 0.40 -44.18 -1.99
CA GLY A 91 -0.88 -43.50 -2.14
C GLY A 91 -0.71 -42.29 -3.04
N SER A 92 -1.70 -41.40 -3.05
CA SER A 92 -1.52 -40.11 -3.72
C SER A 92 -1.56 -38.95 -2.70
N HIS A 93 -0.49 -38.16 -2.65
CA HIS A 93 -0.34 -37.14 -1.62
C HIS A 93 0.31 -35.89 -2.22
N THR A 94 0.03 -34.70 -1.69
CA THR A 94 0.60 -33.49 -2.29
C THR A 94 1.33 -32.68 -1.24
N LEU A 95 2.46 -32.09 -1.63
CA LEU A 95 3.19 -31.19 -0.75
C LEU A 95 3.36 -29.91 -1.55
N GLN A 96 3.00 -28.76 -0.97
CA GLN A 96 3.20 -27.48 -1.68
C GLN A 96 3.99 -26.50 -0.82
N GLN A 97 4.63 -25.54 -1.46
CA GLN A 97 5.45 -24.54 -0.78
C GLN A 97 5.17 -23.24 -1.53
N MET A 98 5.03 -22.14 -0.79
CA MET A 98 5.05 -20.82 -1.38
C MET A 98 6.18 -20.04 -0.69
N SER A 99 7.03 -19.36 -1.44
CA SER A 99 8.03 -18.50 -0.86
C SER A 99 8.10 -17.23 -1.64
N GLY A 100 8.59 -16.17 -1.01
CA GLY A 100 8.84 -14.98 -1.80
C GLY A 100 8.78 -13.72 -0.97
N CYS A 101 8.78 -12.59 -1.65
CA CYS A 101 8.96 -11.32 -0.98
C CYS A 101 8.10 -10.24 -1.61
N ASP A 102 7.66 -9.27 -0.81
CA ASP A 102 7.05 -8.05 -1.32
C ASP A 102 8.06 -6.94 -1.09
N LEU A 103 8.23 -6.09 -2.12
CA LEU A 103 9.23 -5.01 -2.13
C LEU A 103 8.50 -3.69 -2.07
N GLY A 104 9.12 -2.68 -1.48
CA GLY A 104 8.58 -1.32 -1.49
C GLY A 104 9.20 -0.50 -2.60
N SER A 105 8.71 0.73 -2.81
CA SER A 105 9.30 1.59 -3.83
C SER A 105 10.70 2.06 -3.46
N ASP A 106 11.08 1.86 -2.20
CA ASP A 106 12.44 2.18 -1.74
C ASP A 106 13.35 0.95 -1.78
N TRP A 107 12.81 -0.14 -2.33
CA TRP A 107 13.55 -1.40 -2.54
C TRP A 107 13.92 -2.15 -1.26
N ARG A 108 13.17 -1.94 -0.19
CA ARG A 108 13.33 -2.72 1.05
C ARG A 108 12.31 -3.85 1.07
N LEU A 109 12.67 -5.01 1.63
CA LEU A 109 11.67 -6.05 1.88
C LEU A 109 10.56 -5.46 2.74
N LEU A 110 9.31 -5.57 2.29
CA LEU A 110 8.17 -5.21 3.14
C LEU A 110 7.65 -6.43 3.89
N ARG A 111 7.69 -7.57 3.20
CA ARG A 111 7.23 -8.80 3.84
C ARG A 111 7.81 -10.02 3.13
N GLY A 112 8.21 -11.03 3.91
CA GLY A 112 8.71 -12.26 3.30
C GLY A 112 7.77 -13.41 3.61
N TYR A 113 7.73 -14.40 2.70
CA TYR A 113 6.81 -15.54 2.82
C TYR A 113 7.55 -16.87 2.67
N LEU A 114 7.26 -17.84 3.53
CA LEU A 114 7.84 -19.17 3.34
C LEU A 114 6.84 -20.11 4.02
N GLN A 115 6.03 -20.85 3.26
CA GLN A 115 5.01 -21.64 3.95
C GLN A 115 4.78 -22.92 3.18
N PHE A 116 4.30 -23.92 3.89
CA PHE A 116 4.09 -25.25 3.31
C PHE A 116 2.70 -25.77 3.59
N ALA A 117 2.25 -26.67 2.70
CA ALA A 117 0.98 -27.33 2.91
C ALA A 117 1.08 -28.79 2.54
N TYR A 118 0.38 -29.64 3.32
CA TYR A 118 0.29 -31.05 3.02
C TYR A 118 -1.15 -31.40 2.78
N GLU A 119 -1.42 -32.09 1.66
CA GLU A 119 -2.77 -32.41 1.28
C GLU A 119 -3.61 -31.13 1.19
N GLY A 120 -2.99 -30.02 0.80
CA GLY A 120 -3.74 -28.79 0.54
C GLY A 120 -4.17 -28.03 1.81
N ARG A 121 -3.65 -28.47 2.95
CA ARG A 121 -3.92 -27.80 4.22
C ARG A 121 -2.64 -27.24 4.83
N ASP A 122 -2.74 -26.13 5.54
CA ASP A 122 -1.55 -25.51 6.11
C ASP A 122 -0.77 -26.52 6.93
N TYR A 123 0.55 -26.54 6.74
CA TYR A 123 1.40 -27.45 7.51
C TYR A 123 2.29 -26.65 8.44
N ILE A 124 3.18 -25.86 7.87
CA ILE A 124 4.09 -25.02 8.68
C ILE A 124 4.39 -23.74 7.91
N ALA A 125 4.55 -22.61 8.63
CA ALA A 125 4.80 -21.34 7.96
C ALA A 125 5.74 -20.50 8.80
N LEU A 126 6.60 -19.76 8.11
CA LEU A 126 7.50 -18.85 8.76
C LEU A 126 6.69 -17.62 9.12
N ASN A 127 6.80 -17.18 10.36
CA ASN A 127 6.04 -16.02 10.79
C ASN A 127 6.62 -14.78 10.14
N GLU A 128 5.88 -13.70 10.23
CA GLU A 128 6.26 -12.47 9.56
C GLU A 128 7.59 -11.92 10.08
N ASP A 129 7.96 -12.28 11.31
CA ASP A 129 9.20 -11.85 11.93
C ASP A 129 10.41 -12.50 11.25
N LEU A 130 10.14 -13.54 10.44
CA LEU A 130 11.19 -14.26 9.72
C LEU A 130 12.11 -14.97 10.70
N LYS A 131 11.56 -15.34 11.87
CA LYS A 131 12.41 -15.89 12.93
C LYS A 131 11.80 -17.13 13.58
N THR A 132 10.47 -17.14 13.70
CA THR A 132 9.82 -18.27 14.32
C THR A 132 8.77 -18.90 13.39
N TRP A 133 8.30 -20.10 13.73
CA TRP A 133 7.43 -20.92 12.87
C TRP A 133 6.06 -21.11 13.50
N THR A 134 5.01 -21.12 12.68
CA THR A 134 3.73 -21.60 13.17
C THR A 134 3.43 -22.96 12.56
N ALA A 135 3.22 -23.96 13.41
CA ALA A 135 2.89 -25.29 12.95
C ALA A 135 1.42 -25.57 13.21
N ALA A 136 0.74 -26.17 12.25
CA ALA A 136 -0.72 -26.28 12.31
C ALA A 136 -1.24 -27.56 12.95
N ASP A 137 -0.34 -28.49 13.20
CA ASP A 137 -0.61 -29.93 13.27
C ASP A 137 0.28 -30.42 14.40
N MET A 138 -0.06 -31.55 15.01
CA MET A 138 0.90 -32.24 15.87
C MET A 138 2.11 -32.72 15.07
N ALA A 139 1.88 -33.27 13.88
CA ALA A 139 2.99 -33.64 13.01
C ALA A 139 3.90 -32.48 12.67
N ALA A 140 3.31 -31.32 12.43
CA ALA A 140 4.11 -30.14 12.03
C ALA A 140 4.93 -29.64 13.21
N GLN A 141 4.57 -30.03 14.44
CA GLN A 141 5.39 -29.70 15.60
C GLN A 141 6.73 -30.45 15.60
N ILE A 142 6.74 -31.62 14.99
CA ILE A 142 8.00 -32.36 14.82
C ILE A 142 8.94 -31.59 13.87
N THR A 143 8.41 -31.22 12.71
CA THR A 143 9.15 -30.35 11.79
C THR A 143 9.64 -29.10 12.49
N ARG A 144 8.75 -28.36 13.18
CA ARG A 144 9.13 -27.12 13.85
C ARG A 144 10.29 -27.33 14.81
N ARG A 145 10.24 -28.37 15.65
CA ARG A 145 11.34 -28.62 16.55
C ARG A 145 12.61 -28.93 15.74
N LYS A 146 12.46 -29.70 14.67
CA LYS A 146 13.61 -30.06 13.87
C LYS A 146 14.25 -28.80 13.28
N TRP A 147 13.42 -27.84 12.90
CA TRP A 147 13.92 -26.68 12.19
C TRP A 147 14.38 -25.59 13.18
N GLU A 148 13.92 -25.68 14.43
CA GLU A 148 14.48 -24.82 15.49
C GLU A 148 15.87 -25.31 15.86
N GLN A 149 16.07 -26.62 15.84
CA GLN A 149 17.39 -27.17 16.09
C GLN A 149 18.39 -26.86 14.99
N SER A 150 17.92 -26.88 13.75
CA SER A 150 18.83 -26.66 12.61
C SER A 150 19.02 -25.19 12.20
N GLY A 151 18.22 -24.28 12.76
CA GLY A 151 18.30 -22.87 12.40
C GLY A 151 17.81 -22.59 11.01
N ALA A 152 16.78 -23.32 10.57
CA ALA A 152 16.25 -23.15 9.23
C ALA A 152 15.69 -21.75 9.00
N ALA A 153 15.07 -21.15 10.01
CA ALA A 153 14.50 -19.79 9.80
C ALA A 153 15.55 -18.78 9.34
N GLU A 154 16.76 -18.89 9.87
CA GLU A 154 17.82 -17.96 9.51
C GLU A 154 18.20 -18.11 8.05
N HIS A 155 18.29 -19.35 7.60
CA HIS A 155 18.58 -19.69 6.21
C HIS A 155 17.53 -19.02 5.27
N TYR A 156 16.26 -19.17 5.60
CA TYR A 156 15.21 -18.57 4.76
C TYR A 156 15.14 -17.05 4.87
N LYS A 157 15.35 -16.53 6.07
CA LYS A 157 15.42 -15.08 6.24
C LYS A 157 16.51 -14.48 5.35
N ALA A 158 17.69 -15.12 5.32
CA ALA A 158 18.79 -14.63 4.50
C ALA A 158 18.49 -14.61 3.01
N TYR A 159 17.75 -15.61 2.54
CA TYR A 159 17.26 -15.64 1.16
C TYR A 159 16.21 -14.53 0.94
N LEU A 160 15.26 -14.41 1.86
CA LEU A 160 14.18 -13.44 1.68
C LEU A 160 14.67 -11.99 1.71
N GLU A 161 15.58 -11.67 2.62
CA GLU A 161 16.08 -10.28 2.69
C GLU A 161 17.17 -9.90 1.69
N GLY A 162 17.84 -10.89 1.12
CA GLY A 162 18.94 -10.65 0.18
C GLY A 162 18.57 -11.05 -1.25
N GLU A 163 18.84 -12.30 -1.62
CA GLU A 163 18.59 -12.75 -2.98
C GLU A 163 17.18 -12.41 -3.48
N CYS A 164 16.17 -12.68 -2.68
CA CYS A 164 14.80 -12.48 -3.19
C CYS A 164 14.60 -11.06 -3.67
N VAL A 165 14.90 -10.10 -2.80
CA VAL A 165 14.75 -8.69 -3.05
C VAL A 165 15.65 -8.23 -4.19
N GLU A 166 16.88 -8.72 -4.20
CA GLU A 166 17.85 -8.25 -5.16
C GLU A 166 17.49 -8.72 -6.56
N TRP A 167 17.17 -10.00 -6.70
CA TRP A 167 16.77 -10.52 -7.98
C TRP A 167 15.41 -9.99 -8.44
N LEU A 168 14.41 -9.94 -7.58
CA LEU A 168 13.20 -9.27 -8.00
C LEU A 168 13.51 -7.91 -8.66
N HIS A 169 14.37 -7.11 -8.04
CA HIS A 169 14.66 -5.79 -8.57
C HIS A 169 15.24 -5.92 -9.96
N ARG A 170 16.23 -6.80 -10.13
CA ARG A 170 16.81 -7.06 -11.44
C ARG A 170 15.78 -7.49 -12.47
N TYR A 171 14.87 -8.36 -12.08
CA TYR A 171 13.81 -8.80 -13.00
C TYR A 171 12.90 -7.66 -13.39
N LEU A 172 12.65 -6.72 -12.48
CA LEU A 172 11.79 -5.59 -12.79
C LEU A 172 12.50 -4.70 -13.81
N LYS A 173 13.82 -4.57 -13.67
CA LYS A 173 14.58 -3.72 -14.56
C LYS A 173 14.59 -4.33 -15.95
N ASN A 174 14.84 -5.64 -16.00
CA ASN A 174 14.87 -6.38 -17.24
C ASN A 174 13.54 -6.43 -17.99
N GLY A 175 12.44 -6.56 -17.27
CA GLY A 175 11.13 -6.61 -17.91
C GLY A 175 10.47 -5.25 -17.88
N ASN A 176 11.22 -4.24 -18.31
CA ASN A 176 10.88 -2.82 -18.12
C ASN A 176 9.48 -2.40 -18.50
N ALA A 177 9.16 -2.50 -19.79
CA ALA A 177 7.84 -2.19 -20.32
C ALA A 177 6.85 -3.22 -19.85
N THR A 178 7.00 -4.43 -20.38
CA THR A 178 6.12 -5.56 -20.12
C THR A 178 5.51 -5.55 -18.72
N LEU A 179 6.36 -5.59 -17.70
CA LEU A 179 5.91 -5.75 -16.31
C LEU A 179 5.03 -4.59 -15.80
N LEU A 180 5.18 -3.42 -16.39
CA LEU A 180 4.51 -2.22 -15.89
C LEU A 180 3.28 -1.83 -16.71
N ARG A 181 3.07 -2.54 -17.81
CA ARG A 181 1.94 -2.29 -18.67
C ARG A 181 0.65 -2.70 -17.97
N THR A 182 -0.34 -1.80 -18.03
CA THR A 182 -1.69 -2.13 -17.65
C THR A 182 -2.49 -2.14 -18.95
N ASP A 183 -3.59 -2.89 -18.96
CA ASP A 183 -4.52 -2.85 -20.08
C ASP A 183 -5.84 -2.39 -19.49
N SER A 184 -6.40 -1.32 -20.02
CA SER A 184 -7.64 -0.82 -19.43
C SER A 184 -8.81 -1.68 -19.87
N PRO A 185 -9.82 -1.87 -18.99
CA PRO A 185 -11.00 -2.59 -19.44
C PRO A 185 -11.78 -1.85 -20.52
N LYS A 186 -12.33 -2.60 -21.47
CA LYS A 186 -13.35 -2.12 -22.37
C LYS A 186 -14.66 -2.62 -21.80
N ALA A 187 -15.67 -1.76 -21.69
CA ALA A 187 -16.91 -2.14 -21.03
C ALA A 187 -18.15 -1.91 -21.90
N HIS A 188 -19.17 -2.73 -21.66
CA HIS A 188 -20.45 -2.56 -22.32
C HIS A 188 -21.52 -3.22 -21.51
N VAL A 189 -22.75 -2.75 -21.70
CA VAL A 189 -23.87 -3.31 -20.98
C VAL A 189 -24.74 -4.11 -21.95
N THR A 190 -25.20 -5.28 -21.51
CA THR A 190 -26.07 -6.10 -22.33
C THR A 190 -27.42 -6.19 -21.60
N HIS A 191 -28.44 -6.63 -22.32
CA HIS A 191 -29.82 -6.60 -21.81
C HIS A 191 -30.48 -7.92 -22.17
N HIS A 192 -31.10 -8.57 -21.19
CA HIS A 192 -31.57 -9.93 -21.38
C HIS A 192 -32.94 -10.09 -20.74
N PRO A 193 -33.82 -10.88 -21.38
CA PRO A 193 -35.11 -11.10 -20.77
C PRO A 193 -34.99 -11.84 -19.48
N ARG A 194 -36.02 -11.70 -18.67
CA ARG A 194 -36.07 -12.41 -17.43
C ARG A 194 -37.55 -12.61 -17.18
N SER A 195 -37.91 -12.67 -15.92
CA SER A 195 -39.27 -13.03 -15.57
C SER A 195 -40.23 -11.94 -16.02
N LYS A 196 -41.53 -12.19 -15.83
CA LYS A 196 -42.55 -11.23 -16.23
C LYS A 196 -42.30 -9.79 -15.79
N GLY A 197 -41.99 -8.95 -16.77
CA GLY A 197 -41.88 -7.51 -16.56
C GLY A 197 -40.56 -7.06 -15.97
N GLU A 198 -39.58 -7.96 -15.92
CA GLU A 198 -38.25 -7.65 -15.41
C GLU A 198 -37.22 -8.06 -16.43
N VAL A 199 -36.09 -7.37 -16.44
CA VAL A 199 -35.00 -7.69 -17.35
C VAL A 199 -33.71 -7.69 -16.57
N THR A 200 -32.66 -8.30 -17.14
CA THR A 200 -31.34 -8.30 -16.52
C THR A 200 -30.44 -7.33 -17.29
N LEU A 201 -29.72 -6.46 -16.59
CA LEU A 201 -28.71 -5.63 -17.24
C LEU A 201 -27.38 -6.17 -16.75
N ARG A 202 -26.42 -6.38 -17.65
CA ARG A 202 -25.19 -7.02 -17.24
C ARG A 202 -24.04 -6.16 -17.70
N CYS A 203 -23.23 -5.71 -16.76
CA CYS A 203 -22.16 -4.80 -17.11
C CYS A 203 -20.90 -5.62 -17.23
N TRP A 204 -20.27 -5.55 -18.39
CA TRP A 204 -19.13 -6.39 -18.71
C TRP A 204 -17.87 -5.56 -18.73
N ALA A 205 -16.76 -6.12 -18.24
CA ALA A 205 -15.49 -5.47 -18.40
C ALA A 205 -14.53 -6.51 -18.95
N LEU A 206 -13.90 -6.21 -20.07
CA LEU A 206 -13.10 -7.18 -20.80
C LEU A 206 -11.72 -6.63 -21.14
N GLY A 207 -10.74 -7.54 -21.28
CA GLY A 207 -9.47 -7.15 -21.83
C GLY A 207 -8.59 -6.41 -20.86
N PHE A 208 -8.80 -6.59 -19.58
CA PHE A 208 -8.06 -5.79 -18.62
C PHE A 208 -6.91 -6.52 -17.94
N TYR A 209 -5.93 -5.74 -17.50
CA TYR A 209 -4.81 -6.25 -16.73
C TYR A 209 -4.22 -5.10 -15.92
N PRO A 210 -3.90 -5.32 -14.63
CA PRO A 210 -4.06 -6.53 -13.79
C PRO A 210 -5.47 -6.99 -13.48
N ALA A 211 -5.59 -8.11 -12.76
CA ALA A 211 -6.88 -8.70 -12.48
C ALA A 211 -7.81 -7.85 -11.61
N ASP A 212 -7.21 -6.98 -10.79
CA ASP A 212 -7.95 -6.19 -9.81
C ASP A 212 -8.90 -5.25 -10.48
N ILE A 213 -10.18 -5.33 -10.12
CA ILE A 213 -11.20 -4.45 -10.70
C ILE A 213 -12.41 -4.36 -9.78
N THR A 214 -13.17 -3.28 -9.92
CA THR A 214 -14.43 -3.13 -9.17
C THR A 214 -15.51 -2.65 -10.11
N LEU A 215 -16.64 -3.35 -10.09
CA LEU A 215 -17.82 -3.05 -10.91
C LEU A 215 -18.96 -2.68 -9.98
N THR A 216 -19.66 -1.62 -10.30
CA THR A 216 -20.79 -1.26 -9.43
C THR A 216 -21.99 -0.87 -10.28
N TRP A 217 -23.20 -1.03 -9.73
CA TRP A 217 -24.40 -0.51 -10.38
C TRP A 217 -25.03 0.53 -9.48
N GLN A 218 -25.64 1.54 -10.09
CA GLN A 218 -26.42 2.49 -9.31
C GLN A 218 -27.80 2.70 -9.91
N LEU A 219 -28.75 3.01 -9.04
CA LEU A 219 -30.07 3.44 -9.47
C LEU A 219 -30.19 4.92 -9.13
N ASN A 220 -30.33 5.75 -10.15
CA ASN A 220 -30.39 7.20 -9.98
C ASN A 220 -29.24 7.69 -9.09
N GLY A 221 -28.03 7.15 -9.32
CA GLY A 221 -26.85 7.56 -8.56
C GLY A 221 -26.70 6.94 -7.19
N GLU A 222 -27.70 6.18 -6.75
CA GLU A 222 -27.63 5.49 -5.45
C GLU A 222 -27.15 4.06 -5.62
N GLU A 223 -26.26 3.62 -4.73
CA GLU A 223 -25.60 2.32 -4.91
C GLU A 223 -26.54 1.11 -4.77
N LEU A 224 -26.09 -0.01 -5.33
CA LEU A 224 -26.86 -1.26 -5.35
C LEU A 224 -25.96 -2.43 -4.94
N THR A 225 -26.32 -3.14 -3.89
CA THR A 225 -25.48 -4.23 -3.35
C THR A 225 -26.38 -5.41 -3.06
N GLN A 226 -27.55 -5.03 -2.55
CA GLN A 226 -28.82 -5.71 -2.71
C GLN A 226 -29.15 -5.98 -4.18
N ASP A 227 -29.14 -7.26 -4.50
CA ASP A 227 -29.54 -7.71 -5.83
C ASP A 227 -28.49 -7.38 -6.87
N MET A 228 -27.23 -7.67 -6.59
CA MET A 228 -26.23 -7.61 -7.66
C MET A 228 -25.47 -8.91 -7.72
N GLU A 229 -25.55 -9.58 -8.87
CA GLU A 229 -24.83 -10.82 -9.08
C GLU A 229 -23.53 -10.48 -9.81
N LEU A 230 -22.44 -11.05 -9.36
CA LEU A 230 -21.21 -10.85 -10.10
C LEU A 230 -20.30 -12.07 -10.07
N VAL A 231 -19.64 -12.34 -11.19
CA VAL A 231 -18.82 -13.53 -11.32
C VAL A 231 -17.41 -13.29 -10.83
N GLU A 232 -16.75 -14.38 -10.46
CA GLU A 232 -15.34 -14.30 -10.10
C GLU A 232 -14.63 -13.85 -11.35
N THR A 233 -13.63 -12.98 -11.18
CA THR A 233 -12.82 -12.52 -12.30
C THR A 233 -12.15 -13.74 -12.91
N ARG A 234 -11.96 -13.74 -14.23
CA ARG A 234 -11.61 -14.98 -14.94
C ARG A 234 -10.74 -14.61 -16.13
N PRO A 235 -9.78 -15.47 -16.47
CA PRO A 235 -8.88 -15.18 -17.56
C PRO A 235 -9.56 -15.30 -18.92
N ALA A 236 -9.30 -14.34 -19.81
CA ALA A 236 -9.67 -14.47 -21.19
C ALA A 236 -8.84 -15.56 -21.89
N GLY A 237 -7.63 -15.83 -21.39
CA GLY A 237 -6.75 -16.84 -21.98
C GLY A 237 -5.61 -16.22 -22.78
N ASP A 238 -5.67 -14.90 -23.01
CA ASP A 238 -4.64 -14.16 -23.73
C ASP A 238 -3.78 -13.29 -22.80
N GLY A 239 -3.89 -13.52 -21.50
CA GLY A 239 -3.18 -12.75 -20.49
C GLY A 239 -4.01 -11.66 -19.82
N THR A 240 -5.16 -11.35 -20.41
CA THR A 240 -6.07 -10.36 -19.81
C THR A 240 -7.24 -11.04 -19.08
N PHE A 241 -8.07 -10.24 -18.43
CA PHE A 241 -9.12 -10.82 -17.58
C PHE A 241 -10.52 -10.30 -17.95
N GLN A 242 -11.55 -10.87 -17.33
CA GLN A 242 -12.94 -10.52 -17.63
C GLN A 242 -13.71 -10.54 -16.35
N LYS A 243 -14.76 -9.71 -16.28
CA LYS A 243 -15.64 -9.80 -15.12
C LYS A 243 -16.97 -9.19 -15.54
N TRP A 244 -18.07 -9.61 -14.90
CA TRP A 244 -19.32 -8.88 -15.10
C TRP A 244 -20.13 -8.83 -13.84
N ALA A 245 -21.13 -7.94 -13.84
CA ALA A 245 -21.98 -7.74 -12.68
C ALA A 245 -23.36 -7.46 -13.27
N SER A 246 -24.42 -8.03 -12.72
CA SER A 246 -25.73 -7.81 -13.34
C SER A 246 -26.75 -7.45 -12.30
N VAL A 247 -27.80 -6.74 -12.71
CA VAL A 247 -28.91 -6.45 -11.81
C VAL A 247 -30.19 -6.73 -12.55
N VAL A 248 -31.26 -6.98 -11.79
CA VAL A 248 -32.57 -7.25 -12.35
C VAL A 248 -33.39 -5.97 -12.15
N VAL A 249 -34.02 -5.53 -13.22
CA VAL A 249 -34.56 -4.19 -13.36
C VAL A 249 -35.95 -4.24 -13.98
N PRO A 250 -36.89 -3.37 -13.53
CA PRO A 250 -38.19 -3.33 -14.20
C PRO A 250 -38.07 -2.99 -15.66
N LEU A 251 -38.78 -3.72 -16.52
CA LEU A 251 -38.90 -3.40 -17.93
C LEU A 251 -39.32 -1.94 -18.07
N GLY A 252 -38.65 -1.21 -18.97
CA GLY A 252 -38.95 0.20 -19.17
C GLY A 252 -38.07 1.14 -18.34
N LYS A 253 -37.49 0.63 -17.25
CA LYS A 253 -36.73 1.46 -16.31
C LYS A 253 -35.22 1.28 -16.46
N GLU A 254 -34.76 0.82 -17.62
CA GLU A 254 -33.35 0.43 -17.78
C GLU A 254 -32.43 1.64 -17.80
N GLN A 255 -32.98 2.79 -18.20
CA GLN A 255 -32.20 4.01 -18.29
C GLN A 255 -31.97 4.66 -16.94
N ASN A 256 -32.63 4.16 -15.90
CA ASN A 256 -32.40 4.65 -14.56
C ASN A 256 -31.09 4.12 -13.97
N TYR A 257 -30.52 3.08 -14.60
CA TYR A 257 -29.38 2.37 -14.01
C TYR A 257 -28.07 2.66 -14.72
N THR A 258 -27.02 2.75 -13.91
CA THR A 258 -25.71 3.19 -14.36
C THR A 258 -24.66 2.20 -13.84
N CYS A 259 -23.74 1.77 -14.70
CA CYS A 259 -22.65 0.85 -14.26
C CYS A 259 -21.39 1.68 -14.17
N ARG A 260 -20.60 1.46 -13.12
CA ARG A 260 -19.30 2.14 -12.97
C ARG A 260 -18.18 1.12 -12.88
N VAL A 261 -17.11 1.33 -13.65
CA VAL A 261 -15.99 0.38 -13.68
C VAL A 261 -14.72 1.07 -13.16
N TYR A 262 -14.14 0.54 -12.08
CA TYR A 262 -12.93 1.09 -11.48
C TYR A 262 -11.73 0.17 -11.74
N HIS A 263 -10.72 0.67 -12.42
CA HIS A 263 -9.51 -0.15 -12.68
C HIS A 263 -8.31 0.78 -12.70
N GLU A 264 -7.12 0.27 -12.37
CA GLU A 264 -5.97 1.17 -12.22
C GLU A 264 -5.39 1.60 -13.56
N GLY A 265 -5.86 0.99 -14.64
CA GLY A 265 -5.38 1.34 -15.98
C GLY A 265 -6.17 2.47 -16.59
N LEU A 266 -7.26 2.82 -15.93
CA LEU A 266 -8.16 3.87 -16.42
C LEU A 266 -7.70 5.25 -15.98
N PRO A 267 -7.73 6.24 -16.90
CA PRO A 267 -7.44 7.63 -16.50
C PRO A 267 -8.50 8.14 -15.52
N GLU A 268 -9.70 7.56 -15.58
CA GLU A 268 -10.69 7.70 -14.51
C GLU A 268 -11.82 6.69 -14.75
N PRO A 269 -12.62 6.37 -13.71
CA PRO A 269 -13.62 5.31 -13.77
C PRO A 269 -14.59 5.46 -14.93
N LEU A 270 -15.01 4.34 -15.52
CA LEU A 270 -15.98 4.42 -16.61
C LEU A 270 -17.37 4.47 -16.02
N THR A 271 -18.24 5.25 -16.65
CA THR A 271 -19.67 5.22 -16.30
C THR A 271 -20.37 4.85 -17.60
N LEU A 272 -21.26 3.87 -17.53
CA LEU A 272 -22.00 3.49 -18.72
C LEU A 272 -23.43 3.04 -18.42
N ARG A 273 -24.22 2.93 -19.47
CA ARG A 273 -25.61 2.52 -19.31
C ARG A 273 -26.04 1.67 -20.49
N TRP A 274 -27.18 1.01 -20.36
CA TRP A 274 -27.78 0.27 -21.47
C TRP A 274 -28.04 1.21 -22.66
N GLU A 275 -27.41 0.92 -23.79
CA GLU A 275 -27.63 1.69 -25.01
C GLU A 275 -28.23 0.84 -26.13
N PRO A 276 -29.56 0.94 -26.30
CA PRO A 276 -30.23 0.16 -27.33
C PRO A 276 -29.97 0.80 -28.70
N ILE B 1 -10.15 -34.53 -3.53
CA ILE B 1 -11.14 -35.37 -2.79
C ILE B 1 -11.61 -34.63 -1.54
N GLN B 2 -11.02 -33.45 -1.30
CA GLN B 2 -11.47 -32.57 -0.21
C GLN B 2 -12.19 -31.33 -0.75
N LYS B 3 -11.65 -30.73 -1.83
CA LYS B 3 -12.19 -29.48 -2.39
C LYS B 3 -12.79 -29.67 -3.78
N THR B 4 -14.08 -29.32 -3.93
CA THR B 4 -14.84 -29.55 -5.17
C THR B 4 -14.76 -28.39 -6.16
N PRO B 5 -14.51 -28.70 -7.44
CA PRO B 5 -14.24 -27.66 -8.41
C PRO B 5 -15.41 -26.71 -8.66
N GLN B 6 -15.10 -25.43 -8.87
CA GLN B 6 -16.09 -24.45 -9.26
C GLN B 6 -15.78 -24.25 -10.70
N ILE B 7 -16.78 -24.06 -11.55
CA ILE B 7 -16.56 -24.03 -12.99
C ILE B 7 -17.24 -22.82 -13.63
N GLN B 8 -16.57 -22.17 -14.59
CA GLN B 8 -17.20 -21.13 -15.42
C GLN B 8 -16.90 -21.51 -16.83
N VAL B 9 -17.91 -21.47 -17.69
CA VAL B 9 -17.71 -21.70 -19.12
C VAL B 9 -18.08 -20.43 -19.85
N TYR B 10 -17.23 -19.96 -20.75
CA TYR B 10 -17.46 -18.65 -21.31
C TYR B 10 -16.56 -18.48 -22.51
N SER B 11 -16.92 -17.56 -23.40
CA SER B 11 -16.04 -17.29 -24.55
C SER B 11 -15.01 -16.21 -24.28
N ARG B 12 -13.88 -16.24 -25.00
CA ARG B 12 -12.88 -15.19 -24.87
C ARG B 12 -13.43 -13.86 -25.37
N HIS B 13 -14.14 -13.91 -26.50
CA HIS B 13 -14.73 -12.72 -27.13
C HIS B 13 -16.24 -12.74 -27.03
N PRO B 14 -16.88 -11.57 -27.05
CA PRO B 14 -18.35 -11.60 -27.14
C PRO B 14 -18.80 -12.47 -28.32
N PRO B 15 -19.75 -13.38 -28.09
CA PRO B 15 -20.07 -14.33 -29.16
C PRO B 15 -20.88 -13.72 -30.28
N GLU B 16 -20.51 -14.03 -31.52
CA GLU B 16 -21.28 -13.63 -32.69
C GLU B 16 -21.44 -14.87 -33.57
N ASN B 17 -22.67 -15.23 -33.87
CA ASN B 17 -22.94 -16.47 -34.59
C ASN B 17 -22.17 -16.49 -35.88
N GLY B 18 -21.48 -17.61 -36.15
CA GLY B 18 -20.72 -17.75 -37.37
C GLY B 18 -19.27 -17.25 -37.33
N LYS B 19 -18.90 -16.54 -36.27
CA LYS B 19 -17.55 -15.95 -36.16
C LYS B 19 -16.68 -16.76 -35.19
N PRO B 20 -15.45 -17.09 -35.62
CA PRO B 20 -14.61 -17.95 -34.78
C PRO B 20 -14.21 -17.26 -33.47
N ASN B 21 -14.09 -18.07 -32.42
CA ASN B 21 -13.95 -17.57 -31.06
C ASN B 21 -13.16 -18.60 -30.28
N ILE B 22 -13.10 -18.46 -28.95
CA ILE B 22 -12.46 -19.48 -28.17
C ILE B 22 -13.35 -19.71 -26.98
N LEU B 23 -13.67 -20.96 -26.69
CA LEU B 23 -14.48 -21.28 -25.52
C LEU B 23 -13.54 -21.69 -24.42
N ASN B 24 -13.76 -21.16 -23.21
CA ASN B 24 -12.97 -21.52 -22.06
C ASN B 24 -13.79 -22.26 -21.05
N CYS B 25 -13.14 -23.13 -20.31
CA CYS B 25 -13.76 -23.74 -19.15
C CYS B 25 -12.71 -23.56 -18.05
N TYR B 26 -13.01 -22.66 -17.13
CA TYR B 26 -12.08 -22.29 -16.07
C TYR B 26 -12.50 -23.04 -14.83
N VAL B 27 -11.63 -23.89 -14.31
CA VAL B 27 -12.00 -24.73 -13.15
C VAL B 27 -11.07 -24.38 -12.01
N THR B 28 -11.62 -24.17 -10.81
CA THR B 28 -10.85 -23.58 -9.71
C THR B 28 -11.25 -24.28 -8.41
N GLN B 29 -10.55 -23.97 -7.34
CA GLN B 29 -10.91 -24.43 -5.99
C GLN B 29 -10.86 -25.92 -5.75
N PHE B 30 -9.98 -26.63 -6.46
CA PHE B 30 -10.02 -28.08 -6.32
C PHE B 30 -8.73 -28.66 -5.75
N HIS B 31 -8.86 -29.78 -5.06
CA HIS B 31 -7.71 -30.45 -4.50
C HIS B 31 -8.16 -31.89 -4.28
N PRO B 32 -7.34 -32.88 -4.69
CA PRO B 32 -5.99 -32.87 -5.25
C PRO B 32 -5.97 -32.33 -6.68
N PRO B 33 -4.77 -32.06 -7.23
CA PRO B 33 -4.65 -31.44 -8.53
C PRO B 33 -5.01 -32.31 -9.74
N HIS B 34 -5.18 -33.62 -9.55
CA HIS B 34 -5.54 -34.46 -10.69
C HIS B 34 -7.00 -34.29 -11.04
N ILE B 35 -7.25 -33.94 -12.30
CA ILE B 35 -8.60 -33.65 -12.71
C ILE B 35 -8.79 -34.00 -14.19
N GLU B 36 -9.99 -34.38 -14.59
CA GLU B 36 -10.22 -34.67 -16.01
C GLU B 36 -11.30 -33.75 -16.56
N ILE B 37 -10.99 -33.06 -17.66
CA ILE B 37 -11.89 -32.06 -18.18
C ILE B 37 -12.12 -32.34 -19.65
N GLN B 38 -13.39 -32.33 -20.05
CA GLN B 38 -13.77 -32.61 -21.43
C GLN B 38 -14.65 -31.47 -21.90
N MET B 39 -14.46 -31.01 -23.12
CA MET B 39 -15.34 -29.99 -23.69
C MET B 39 -16.15 -30.65 -24.77
N LEU B 40 -17.43 -30.29 -24.86
CA LEU B 40 -18.43 -31.07 -25.60
C LEU B 40 -19.18 -30.11 -26.50
N LYS B 41 -19.37 -30.51 -27.76
CA LYS B 41 -20.17 -29.76 -28.70
C LYS B 41 -21.34 -30.64 -29.07
N ASN B 42 -22.56 -30.21 -28.76
CA ASN B 42 -23.72 -31.04 -29.00
C ASN B 42 -23.61 -32.44 -28.41
N GLY B 43 -22.96 -32.52 -27.25
CA GLY B 43 -22.85 -33.79 -26.51
C GLY B 43 -21.64 -34.63 -26.91
N LYS B 44 -20.98 -34.25 -28.00
CA LYS B 44 -19.80 -34.98 -28.49
C LYS B 44 -18.48 -34.36 -28.03
N LYS B 45 -17.48 -35.20 -27.73
CA LYS B 45 -16.20 -34.71 -27.26
C LYS B 45 -15.47 -33.92 -28.32
N ILE B 46 -14.92 -32.77 -27.93
CA ILE B 46 -14.13 -31.96 -28.84
C ILE B 46 -12.67 -32.42 -28.72
N PRO B 47 -12.00 -32.62 -29.87
CA PRO B 47 -10.71 -33.31 -29.80
C PRO B 47 -9.51 -32.42 -29.42
N LYS B 48 -9.35 -31.28 -30.07
CA LYS B 48 -8.13 -30.48 -29.88
C LYS B 48 -8.27 -29.48 -28.72
N VAL B 49 -8.54 -29.98 -27.52
CA VAL B 49 -8.72 -29.14 -26.34
C VAL B 49 -7.36 -28.86 -25.68
N GLU B 50 -7.04 -27.59 -25.48
CA GLU B 50 -5.78 -27.20 -24.86
C GLU B 50 -6.00 -27.03 -23.38
N MET B 51 -4.96 -27.26 -22.57
CA MET B 51 -5.11 -27.03 -21.14
C MET B 51 -3.92 -26.22 -20.67
N SER B 52 -4.17 -25.22 -19.84
CA SER B 52 -3.09 -24.46 -19.22
C SER B 52 -2.29 -25.37 -18.28
N ASP B 53 -1.08 -24.93 -17.90
CA ASP B 53 -0.23 -25.76 -17.04
C ASP B 53 -0.67 -25.67 -15.59
N MET B 54 -0.35 -26.69 -14.82
CA MET B 54 -0.75 -26.77 -13.40
C MET B 54 -0.36 -25.50 -12.64
N SER B 55 -1.34 -24.83 -12.04
CA SER B 55 -1.09 -23.71 -11.13
C SER B 55 -1.95 -23.85 -9.85
N PHE B 56 -1.56 -23.16 -8.79
CA PHE B 56 -2.37 -23.10 -7.59
C PHE B 56 -2.45 -21.69 -7.06
N SER B 57 -3.45 -21.47 -6.19
CA SER B 57 -3.73 -20.15 -5.66
C SER B 57 -3.17 -20.02 -4.27
N LYS B 58 -3.23 -18.81 -3.71
CA LYS B 58 -2.65 -18.57 -2.39
C LYS B 58 -3.39 -19.31 -1.28
N ASP B 59 -4.54 -19.90 -1.61
CA ASP B 59 -5.28 -20.73 -0.64
C ASP B 59 -4.93 -22.21 -0.78
N TRP B 60 -3.97 -22.49 -1.68
CA TRP B 60 -3.41 -23.83 -1.93
C TRP B 60 -4.19 -24.59 -3.00
N SER B 61 -5.39 -24.14 -3.37
CA SER B 61 -6.22 -24.91 -4.28
C SER B 61 -5.74 -24.71 -5.70
N PHE B 62 -6.00 -25.66 -6.59
CA PHE B 62 -5.45 -25.61 -7.92
C PHE B 62 -6.45 -25.04 -8.88
N TYR B 63 -5.97 -24.57 -10.05
CA TYR B 63 -6.87 -24.09 -11.06
C TYR B 63 -6.29 -24.37 -12.43
N ILE B 64 -7.18 -24.39 -13.41
CA ILE B 64 -6.79 -24.76 -14.75
C ILE B 64 -7.75 -24.12 -15.72
N LEU B 65 -7.24 -23.72 -16.89
CA LEU B 65 -8.07 -23.18 -17.93
C LEU B 65 -7.95 -24.14 -19.11
N ALA B 66 -9.06 -24.81 -19.42
CA ALA B 66 -9.20 -25.62 -20.63
C ALA B 66 -9.79 -24.73 -21.71
N HIS B 67 -9.30 -24.83 -22.94
CA HIS B 67 -9.82 -23.97 -23.99
C HIS B 67 -9.78 -24.66 -25.36
N THR B 68 -10.67 -24.21 -26.25
CA THR B 68 -10.76 -24.79 -27.60
C THR B 68 -11.30 -23.75 -28.60
N GLU B 69 -10.79 -23.71 -29.82
CA GLU B 69 -11.40 -22.85 -30.82
C GLU B 69 -12.83 -23.30 -31.09
N PHE B 70 -13.74 -22.37 -31.31
CA PHE B 70 -15.09 -22.75 -31.66
C PHE B 70 -15.75 -21.61 -32.37
N THR B 71 -16.75 -21.94 -33.19
CA THR B 71 -17.55 -20.94 -33.85
C THR B 71 -18.99 -21.10 -33.38
N PRO B 72 -19.44 -20.19 -32.50
CA PRO B 72 -20.82 -20.26 -31.97
C PRO B 72 -21.83 -20.16 -33.09
N THR B 73 -22.99 -20.76 -32.92
CA THR B 73 -24.09 -20.59 -33.85
C THR B 73 -25.37 -20.52 -33.06
N GLU B 74 -26.47 -20.32 -33.77
CA GLU B 74 -27.73 -20.16 -33.08
C GLU B 74 -28.09 -21.37 -32.25
N THR B 75 -27.74 -22.57 -32.73
CA THR B 75 -28.28 -23.79 -32.14
C THR B 75 -27.29 -24.77 -31.52
N ASP B 76 -26.00 -24.67 -31.82
CA ASP B 76 -25.04 -25.60 -31.24
C ASP B 76 -24.92 -25.38 -29.72
N THR B 77 -24.90 -26.47 -28.95
CA THR B 77 -24.69 -26.30 -27.51
C THR B 77 -23.31 -26.79 -27.09
N TYR B 78 -22.71 -26.10 -26.12
CA TYR B 78 -21.36 -26.38 -25.70
C TYR B 78 -21.38 -26.60 -24.23
N ALA B 79 -20.45 -27.40 -23.73
CA ALA B 79 -20.42 -27.66 -22.32
C ALA B 79 -19.03 -28.10 -21.92
N CYS B 80 -18.81 -28.13 -20.62
CA CYS B 80 -17.52 -28.57 -20.10
C CYS B 80 -17.90 -29.61 -19.09
N ARG B 81 -17.26 -30.80 -19.12
CA ARG B 81 -17.58 -31.84 -18.15
C ARG B 81 -16.31 -32.19 -17.38
N VAL B 82 -16.43 -32.20 -16.05
CA VAL B 82 -15.28 -32.27 -15.16
C VAL B 82 -15.42 -33.46 -14.23
N LYS B 83 -14.39 -34.32 -14.21
CA LYS B 83 -14.36 -35.47 -13.29
C LYS B 83 -13.27 -35.21 -12.23
N HIS B 84 -13.63 -35.35 -10.96
CA HIS B 84 -12.71 -35.10 -9.87
C HIS B 84 -13.07 -35.96 -8.66
N ASP B 85 -12.06 -36.33 -7.87
CA ASP B 85 -12.23 -37.20 -6.69
C ASP B 85 -13.20 -36.69 -5.65
N SER B 86 -13.41 -35.38 -5.62
CA SER B 86 -14.27 -34.78 -4.61
C SER B 86 -15.76 -34.89 -4.92
N MET B 87 -16.09 -35.28 -6.14
CA MET B 87 -17.50 -35.37 -6.52
C MET B 87 -17.89 -36.79 -6.87
N ALA B 88 -19.08 -37.19 -6.45
CA ALA B 88 -19.57 -38.54 -6.67
C ALA B 88 -19.70 -38.84 -8.16
N GLU B 89 -20.08 -37.83 -8.94
CA GLU B 89 -20.18 -37.97 -10.39
C GLU B 89 -19.67 -36.71 -11.10
N PRO B 90 -19.32 -36.84 -12.38
CA PRO B 90 -18.90 -35.69 -13.19
C PRO B 90 -19.90 -34.54 -13.13
N LYS B 91 -19.39 -33.32 -13.21
CA LYS B 91 -20.23 -32.14 -13.23
C LYS B 91 -20.16 -31.57 -14.63
N THR B 92 -21.32 -31.40 -15.25
CA THR B 92 -21.37 -30.78 -16.57
C THR B 92 -21.97 -29.40 -16.45
N VAL B 93 -21.31 -28.42 -17.06
CA VAL B 93 -21.88 -27.08 -17.10
C VAL B 93 -21.89 -26.55 -18.53
N TYR B 94 -23.06 -26.07 -18.94
CA TYR B 94 -23.28 -25.66 -20.30
C TYR B 94 -22.95 -24.22 -20.47
N TRP B 95 -22.45 -23.86 -21.65
CA TRP B 95 -22.19 -22.50 -21.96
C TRP B 95 -23.49 -21.74 -22.06
N ASP B 96 -23.58 -20.60 -21.38
CA ASP B 96 -24.73 -19.67 -21.50
C ASP B 96 -24.16 -18.47 -22.17
N ARG B 97 -24.55 -18.20 -23.41
CA ARG B 97 -23.89 -17.12 -24.15
C ARG B 97 -24.09 -15.74 -23.52
N ASP B 98 -24.98 -15.68 -22.52
CA ASP B 98 -25.27 -14.41 -21.83
C ASP B 98 -24.37 -14.16 -20.61
N MET B 99 -23.44 -15.07 -20.31
CA MET B 99 -22.70 -15.01 -19.07
C MET B 99 -21.21 -15.32 -19.24
N LYS C 1 15.24 -15.63 -8.60
CA LYS C 1 16.12 -16.77 -8.26
C LYS C 1 15.44 -17.58 -7.16
N VAL C 2 15.35 -18.88 -7.37
CA VAL C 2 14.61 -19.78 -6.48
C VAL C 2 15.37 -20.03 -5.17
N PRO C 3 14.64 -20.21 -4.05
CA PRO C 3 15.30 -20.60 -2.81
C PRO C 3 15.73 -22.05 -2.82
N ARG C 4 16.71 -22.39 -1.98
CA ARG C 4 17.05 -23.78 -1.72
C ARG C 4 16.59 -24.10 -0.29
N ASN C 5 15.83 -25.18 -0.13
CA ASN C 5 15.34 -25.51 1.22
C ASN C 5 16.45 -26.08 2.08
N GLN C 6 16.31 -25.97 3.40
CA GLN C 6 17.33 -26.45 4.31
C GLN C 6 16.97 -27.84 4.78
N ASP C 7 16.80 -28.03 6.09
CA ASP C 7 16.45 -29.37 6.57
C ASP C 7 15.10 -29.86 6.04
N TRP C 8 14.97 -31.17 5.87
CA TRP C 8 13.71 -31.79 5.40
C TRP C 8 12.60 -31.61 6.44
N LEU C 9 11.34 -31.78 6.02
CA LEU C 9 10.21 -31.71 6.94
C LEU C 9 10.38 -32.81 7.98
N GLY D 1 3.09 5.60 -0.15
CA GLY D 1 1.81 6.10 0.25
C GLY D 1 0.87 6.17 -0.92
N PRO D 2 -0.41 5.90 -0.66
CA PRO D 2 -1.47 6.30 -1.56
C PRO D 2 -1.55 7.81 -1.61
N HIS D 3 -2.00 8.30 -2.75
CA HIS D 3 -2.31 9.72 -2.90
C HIS D 3 -3.30 10.11 -1.82
N SER D 4 -3.14 11.29 -1.25
CA SER D 4 -4.01 11.72 -0.17
C SER D 4 -4.35 13.21 -0.24
N MET D 5 -5.42 13.60 0.43
CA MET D 5 -5.70 15.02 0.60
C MET D 5 -6.13 15.19 2.05
N ARG D 6 -5.65 16.26 2.71
CA ARG D 6 -6.10 16.55 4.07
C ARG D 6 -6.34 18.05 4.21
N TYR D 7 -7.32 18.40 5.01
CA TYR D 7 -7.50 19.77 5.49
C TYR D 7 -7.36 19.76 6.99
N PHE D 8 -6.41 20.53 7.52
CA PHE D 8 -6.15 20.52 8.97
C PHE D 8 -6.61 21.91 9.42
N GLU D 9 -7.52 21.95 10.40
CA GLU D 9 -8.19 23.20 10.75
C GLU D 9 -8.00 23.43 12.23
N THR D 10 -7.74 24.68 12.59
CA THR D 10 -7.50 25.03 13.98
C THR D 10 -8.27 26.31 14.34
N ALA D 11 -8.90 26.33 15.52
CA ALA D 11 -9.41 27.57 16.09
C ALA D 11 -8.88 27.72 17.50
N VAL D 12 -8.40 28.91 17.83
CA VAL D 12 -7.82 29.16 19.14
C VAL D 12 -8.53 30.34 19.79
N SER D 13 -9.12 30.13 20.97
CA SER D 13 -9.89 31.21 21.59
C SER D 13 -8.92 32.19 22.24
N ARG D 14 -9.38 33.44 22.42
CA ARG D 14 -8.51 34.54 22.88
C ARG D 14 -9.09 35.19 24.15
N PRO D 15 -8.21 35.77 24.99
CA PRO D 15 -8.66 36.48 26.21
C PRO D 15 -9.63 37.66 25.95
N GLY D 16 -10.49 37.93 26.93
CA GLY D 16 -11.45 39.02 26.83
C GLY D 16 -12.66 38.63 26.00
N LEU D 17 -13.10 39.54 25.14
CA LEU D 17 -14.21 39.25 24.24
C LEU D 17 -13.72 39.16 22.79
N GLU D 18 -12.45 38.79 22.63
CA GLU D 18 -11.84 38.73 21.31
C GLU D 18 -12.38 37.50 20.58
N GLU D 19 -12.32 37.52 19.24
CA GLU D 19 -12.79 36.41 18.41
C GLU D 19 -11.69 35.35 18.31
N PRO D 20 -12.05 34.06 18.10
CA PRO D 20 -10.97 33.07 17.98
C PRO D 20 -10.19 33.34 16.69
N ARG D 21 -8.97 32.84 16.62
CA ARG D 21 -8.28 32.86 15.34
C ARG D 21 -8.51 31.51 14.70
N TYR D 22 -8.73 31.50 13.40
CA TYR D 22 -9.03 30.28 12.65
C TYR D 22 -8.05 30.16 11.49
N ILE D 23 -7.40 28.99 11.39
CA ILE D 23 -6.41 28.71 10.33
C ILE D 23 -6.81 27.39 9.69
N SER D 24 -6.82 27.36 8.37
CA SER D 24 -7.11 26.12 7.63
C SER D 24 -6.05 25.89 6.58
N VAL D 25 -5.46 24.70 6.58
CA VAL D 25 -4.37 24.34 5.69
C VAL D 25 -4.73 23.05 4.96
N GLY D 26 -4.55 23.05 3.66
CA GLY D 26 -4.87 21.88 2.84
C GLY D 26 -3.58 21.26 2.34
N TYR D 27 -3.57 19.94 2.18
CA TYR D 27 -2.37 19.18 1.78
C TYR D 27 -2.80 18.24 0.70
N VAL D 28 -2.00 18.13 -0.37
CA VAL D 28 -2.14 17.04 -1.34
C VAL D 28 -0.81 16.26 -1.30
N ASP D 29 -0.89 14.94 -1.14
CA ASP D 29 0.33 14.15 -1.00
C ASP D 29 1.32 14.79 -0.02
N ASN D 30 0.77 15.27 1.10
CA ASN D 30 1.51 15.76 2.25
C ASN D 30 2.20 17.10 2.04
N LYS D 31 1.89 17.77 0.94
CA LYS D 31 2.48 19.06 0.67
C LYS D 31 1.38 20.12 0.69
N GLU D 32 1.61 21.18 1.44
CA GLU D 32 0.62 22.22 1.62
C GLU D 32 0.27 22.81 0.27
N PHE D 33 -1.01 22.99 -0.02
CA PHE D 33 -1.39 23.49 -1.36
C PHE D 33 -2.35 24.70 -1.28
N VAL D 34 -3.04 24.87 -0.14
CA VAL D 34 -3.88 26.09 0.08
C VAL D 34 -3.90 26.45 1.56
N ARG D 35 -4.15 27.70 1.90
CA ARG D 35 -4.16 28.10 3.32
C ARG D 35 -5.05 29.31 3.53
N PHE D 36 -5.83 29.31 4.61
CA PHE D 36 -6.68 30.43 5.03
C PHE D 36 -6.32 30.80 6.47
N ASP D 37 -6.14 32.08 6.77
CA ASP D 37 -5.83 32.47 8.13
C ASP D 37 -6.62 33.76 8.47
N SER D 38 -7.43 33.71 9.53
CA SER D 38 -8.28 34.84 9.86
C SER D 38 -7.48 36.04 10.39
N ASP D 39 -6.17 35.87 10.65
CA ASP D 39 -5.34 37.00 11.11
C ASP D 39 -4.87 37.81 9.93
N ALA D 40 -5.10 37.31 8.73
CA ALA D 40 -4.63 37.97 7.50
C ALA D 40 -5.38 39.27 7.29
N GLU D 41 -4.81 40.18 6.51
CA GLU D 41 -5.41 41.48 6.34
C GLU D 41 -6.72 41.34 5.58
N ASN D 42 -6.71 40.47 4.57
CA ASN D 42 -7.92 40.18 3.81
C ASN D 42 -8.09 38.67 3.74
N PRO D 43 -8.59 38.05 4.83
CA PRO D 43 -8.60 36.61 4.91
C PRO D 43 -9.29 35.95 3.72
N ARG D 44 -8.63 34.96 3.13
CA ARG D 44 -9.11 34.34 1.91
C ARG D 44 -8.29 33.08 1.80
N TYR D 45 -8.81 32.06 1.11
CA TYR D 45 -7.97 30.90 0.80
C TYR D 45 -7.01 31.35 -0.27
N GLU D 46 -5.73 31.02 -0.08
CA GLU D 46 -4.73 31.41 -1.05
C GLU D 46 -4.00 30.16 -1.51
N PRO D 47 -3.52 30.17 -2.77
CA PRO D 47 -2.74 29.03 -3.23
C PRO D 47 -1.39 29.00 -2.50
N ARG D 48 -0.86 27.79 -2.35
CA ARG D 48 0.41 27.57 -1.69
C ARG D 48 1.25 26.62 -2.51
N ALA D 49 0.67 26.04 -3.55
CA ALA D 49 1.49 25.38 -4.57
C ALA D 49 1.18 26.06 -5.90
N PRO D 50 2.22 26.27 -6.75
CA PRO D 50 2.01 27.08 -7.96
C PRO D 50 0.97 26.48 -8.91
N TRP D 51 0.83 25.16 -8.89
CA TRP D 51 -0.16 24.53 -9.77
C TRP D 51 -1.60 24.83 -9.37
N MET D 52 -1.81 25.46 -8.21
CA MET D 52 -3.16 25.88 -7.83
C MET D 52 -3.56 27.17 -8.56
N GLU D 53 -2.60 27.78 -9.24
CA GLU D 53 -2.90 29.00 -9.97
C GLU D 53 -3.86 28.72 -11.14
N GLN D 54 -4.07 27.46 -11.48
CA GLN D 54 -4.99 27.10 -12.55
C GLN D 54 -6.45 27.32 -12.21
N GLU D 55 -6.78 27.32 -10.93
CA GLU D 55 -8.16 27.56 -10.51
C GLU D 55 -8.59 29.02 -10.65
N GLY D 56 -9.82 29.21 -11.11
CA GLY D 56 -10.35 30.55 -11.39
C GLY D 56 -10.93 31.24 -10.18
N PRO D 57 -11.33 32.51 -10.36
CA PRO D 57 -11.83 33.36 -9.30
C PRO D 57 -12.96 32.76 -8.48
N GLU D 58 -13.85 32.00 -9.12
CA GLU D 58 -15.02 31.40 -8.48
C GLU D 58 -14.59 30.35 -7.46
N TYR D 59 -13.65 29.50 -7.87
CA TYR D 59 -13.16 28.48 -6.96
C TYR D 59 -12.78 29.16 -5.67
N TRP D 60 -11.89 30.14 -5.76
CA TRP D 60 -11.36 30.82 -4.57
C TRP D 60 -12.44 31.53 -3.77
N GLU D 61 -13.38 32.14 -4.45
CA GLU D 61 -14.48 32.79 -3.75
C GLU D 61 -15.30 31.78 -2.96
N ARG D 62 -15.58 30.63 -3.55
CA ARG D 62 -16.40 29.66 -2.85
C ARG D 62 -15.67 28.96 -1.72
N GLU D 63 -14.38 28.65 -1.92
CA GLU D 63 -13.57 28.14 -0.81
C GLU D 63 -13.53 29.14 0.35
N THR D 64 -13.30 30.40 0.02
CA THR D 64 -13.29 31.44 1.05
C THR D 64 -14.62 31.56 1.78
N GLN D 65 -15.74 31.47 1.04
CA GLN D 65 -17.04 31.54 1.69
C GLN D 65 -17.23 30.35 2.66
N LYS D 66 -16.77 29.17 2.25
CA LYS D 66 -16.80 28.02 3.17
C LYS D 66 -15.95 28.23 4.43
N ALA D 67 -14.73 28.72 4.24
CA ALA D 67 -13.86 29.03 5.39
C ALA D 67 -14.55 29.96 6.39
N LYS D 68 -15.21 31.01 5.88
CA LYS D 68 -15.92 31.91 6.80
C LYS D 68 -17.04 31.21 7.57
N GLY D 69 -17.70 30.25 6.95
CA GLY D 69 -18.72 29.47 7.65
C GLY D 69 -18.08 28.58 8.69
N GLN D 70 -16.97 27.95 8.30
CA GLN D 70 -16.24 27.07 9.21
C GLN D 70 -15.78 27.84 10.44
N GLU D 71 -15.27 29.04 10.20
CA GLU D 71 -14.81 29.93 11.29
C GLU D 71 -15.92 30.20 12.32
N GLN D 72 -17.14 30.43 11.85
CA GLN D 72 -18.23 30.61 12.80
C GLN D 72 -18.61 29.31 13.51
N TRP D 73 -18.56 28.22 12.77
CA TRP D 73 -18.80 26.89 13.35
C TRP D 73 -17.83 26.60 14.49
N PHE D 74 -16.55 26.91 14.29
CA PHE D 74 -15.56 26.66 15.35
C PHE D 74 -15.78 27.58 16.55
N ARG D 75 -16.16 28.82 16.27
CA ARG D 75 -16.47 29.73 17.36
C ARG D 75 -17.58 29.17 18.25
N VAL D 76 -18.68 28.73 17.66
CA VAL D 76 -19.81 28.24 18.44
C VAL D 76 -19.41 26.96 19.17
N SER D 77 -18.70 26.06 18.48
CA SER D 77 -18.22 24.81 19.08
C SER D 77 -17.31 24.97 20.26
N LEU D 78 -16.32 25.85 20.15
CA LEU D 78 -15.49 26.24 21.30
C LEU D 78 -16.33 26.62 22.52
N ARG D 79 -17.35 27.43 22.28
CA ARG D 79 -18.23 27.87 23.36
C ARG D 79 -18.99 26.69 23.93
N ASN D 80 -19.48 25.82 23.05
CA ASN D 80 -20.20 24.66 23.51
C ASN D 80 -19.33 23.83 24.40
N LEU D 81 -18.08 23.65 23.98
CA LEU D 81 -17.14 22.85 24.75
C LEU D 81 -16.87 23.44 26.14
N LEU D 82 -16.73 24.76 26.19
CA LEU D 82 -16.56 25.45 27.47
C LEU D 82 -17.69 25.03 28.43
N GLY D 83 -18.90 24.89 27.89
CA GLY D 83 -20.02 24.42 28.69
C GLY D 83 -19.86 22.99 29.14
N TYR D 84 -19.63 22.08 28.20
CA TYR D 84 -19.54 20.66 28.54
C TYR D 84 -18.55 20.42 29.66
N TYR D 85 -17.43 21.12 29.63
CA TYR D 85 -16.33 20.83 30.55
C TYR D 85 -16.33 21.77 31.76
N ASN D 86 -17.42 22.52 31.93
CA ASN D 86 -17.58 23.47 33.03
C ASN D 86 -16.36 24.37 33.20
N GLN D 87 -15.86 24.88 32.07
CA GLN D 87 -14.67 25.73 32.07
C GLN D 87 -15.08 27.18 32.07
N SER D 88 -14.24 28.01 32.69
CA SER D 88 -14.50 29.44 32.78
C SER D 88 -14.19 30.12 31.47
N ALA D 89 -15.09 31.00 31.05
CA ALA D 89 -14.93 31.76 29.81
C ALA D 89 -13.73 32.69 29.87
N GLY D 90 -13.25 33.09 28.69
CA GLY D 90 -12.13 34.03 28.59
C GLY D 90 -10.78 33.40 28.92
N GLY D 91 -10.57 32.17 28.45
CA GLY D 91 -9.28 31.48 28.64
C GLY D 91 -8.63 31.26 27.29
N SER D 92 -7.64 30.38 27.24
CA SER D 92 -7.06 29.95 25.97
C SER D 92 -7.33 28.46 25.71
N HIS D 93 -7.96 28.15 24.59
CA HIS D 93 -8.42 26.80 24.31
C HIS D 93 -8.24 26.55 22.82
N THR D 94 -8.02 25.29 22.42
CA THR D 94 -7.79 24.99 20.99
C THR D 94 -8.74 23.92 20.54
N LEU D 95 -9.25 24.05 19.32
CA LEU D 95 -10.11 23.01 18.72
C LEU D 95 -9.49 22.71 17.37
N GLN D 96 -9.19 21.44 17.07
CA GLN D 96 -8.57 21.13 15.78
C GLN D 96 -9.41 20.05 15.09
N GLN D 97 -9.26 19.95 13.78
CA GLN D 97 -10.03 19.00 12.96
C GLN D 97 -9.08 18.56 11.89
N MET D 98 -9.12 17.27 11.54
CA MET D 98 -8.45 16.74 10.37
C MET D 98 -9.49 16.03 9.53
N SER D 99 -9.55 16.32 8.22
CA SER D 99 -10.48 15.60 7.31
C SER D 99 -9.77 15.26 6.05
N GLY D 100 -10.20 14.20 5.38
CA GLY D 100 -9.62 13.94 4.07
C GLY D 100 -9.76 12.50 3.65
N CYS D 101 -9.04 12.16 2.58
CA CYS D 101 -9.26 10.89 1.94
C CYS D 101 -7.94 10.33 1.44
N ASP D 102 -7.82 9.00 1.45
CA ASP D 102 -6.73 8.33 0.72
C ASP D 102 -7.36 7.70 -0.50
N LEU D 103 -6.68 7.83 -1.65
CA LEU D 103 -7.15 7.33 -2.96
C LEU D 103 -6.32 6.16 -3.43
N GLY D 104 -6.95 5.21 -4.14
CA GLY D 104 -6.22 4.10 -4.77
C GLY D 104 -5.83 4.46 -6.18
N SER D 105 -5.00 3.63 -6.82
CA SER D 105 -4.61 3.90 -8.20
C SER D 105 -5.78 3.66 -9.16
N ASP D 106 -6.84 3.04 -8.64
CA ASP D 106 -8.07 2.85 -9.40
C ASP D 106 -9.07 3.96 -9.09
N TRP D 107 -8.62 4.96 -8.34
CA TRP D 107 -9.37 6.18 -8.07
C TRP D 107 -10.59 5.99 -7.17
N ARG D 108 -10.59 4.94 -6.37
CA ARG D 108 -11.62 4.73 -5.34
C ARG D 108 -11.09 5.25 -4.01
N LEU D 109 -11.99 5.71 -3.16
CA LEU D 109 -11.64 6.04 -1.78
C LEU D 109 -11.11 4.78 -1.10
N LEU D 110 -9.91 4.86 -0.51
CA LEU D 110 -9.37 3.74 0.27
C LEU D 110 -9.74 3.93 1.72
N ARG D 111 -9.64 5.16 2.18
CA ARG D 111 -9.99 5.45 3.57
C ARG D 111 -10.32 6.93 3.74
N GLY D 112 -11.31 7.22 4.56
CA GLY D 112 -11.75 8.60 4.78
C GLY D 112 -11.48 8.94 6.22
N TYR D 113 -11.21 10.22 6.49
CA TYR D 113 -10.83 10.69 7.82
C TYR D 113 -11.67 11.90 8.23
N LEU D 114 -12.13 11.94 9.48
CA LEU D 114 -12.89 13.10 9.95
C LEU D 114 -12.79 13.03 11.48
N GLN D 115 -11.91 13.85 12.07
CA GLN D 115 -11.68 13.72 13.49
C GLN D 115 -11.40 15.06 14.09
N PHE D 116 -11.67 15.16 15.39
CA PHE D 116 -11.56 16.41 16.13
C PHE D 116 -10.79 16.23 17.40
N ALA D 117 -10.16 17.31 17.84
CA ALA D 117 -9.48 17.30 19.12
C ALA D 117 -9.72 18.60 19.85
N TYR D 118 -9.85 18.49 21.18
CA TYR D 118 -9.96 19.63 22.06
C TYR D 118 -8.78 19.65 23.00
N GLU D 119 -8.10 20.79 23.08
CA GLU D 119 -6.89 20.94 23.90
C GLU D 119 -5.86 19.91 23.47
N GLY D 120 -5.84 19.57 22.18
CA GLY D 120 -4.80 18.69 21.63
C GLY D 120 -4.98 17.23 21.97
N ARG D 121 -6.16 16.87 22.48
CA ARG D 121 -6.47 15.48 22.82
C ARG D 121 -7.66 15.02 22.00
N ASP D 122 -7.71 13.73 21.69
CA ASP D 122 -8.80 13.25 20.85
C ASP D 122 -10.14 13.58 21.48
N TYR D 123 -11.06 14.11 20.67
CA TYR D 123 -12.43 14.41 21.15
C TYR D 123 -13.45 13.47 20.52
N ILE D 124 -13.60 13.53 19.21
CA ILE D 124 -14.54 12.65 18.48
C ILE D 124 -14.03 12.35 17.06
N ALA D 125 -14.22 11.11 16.59
CA ALA D 125 -13.72 10.73 15.31
C ALA D 125 -14.73 9.86 14.58
N LEU D 126 -14.87 10.07 13.29
CA LEU D 126 -15.68 9.21 12.46
C LEU D 126 -14.93 7.90 12.26
N ASN D 127 -15.60 6.79 12.52
CA ASN D 127 -14.94 5.49 12.35
C ASN D 127 -14.66 5.20 10.88
N GLU D 128 -13.83 4.22 10.62
CA GLU D 128 -13.43 3.90 9.26
C GLU D 128 -14.62 3.50 8.37
N ASP D 129 -15.71 3.06 9.01
CA ASP D 129 -16.95 2.66 8.29
C ASP D 129 -17.66 3.86 7.74
N LEU D 130 -17.25 5.05 8.19
CA LEU D 130 -17.83 6.32 7.77
C LEU D 130 -19.27 6.42 8.17
N LYS D 131 -19.63 5.74 9.26
CA LYS D 131 -21.03 5.61 9.60
C LYS D 131 -21.24 5.88 11.08
N THR D 132 -20.29 5.49 11.91
CA THR D 132 -20.46 5.66 13.35
C THR D 132 -19.27 6.42 13.93
N TRP D 133 -19.41 6.89 15.18
CA TRP D 133 -18.45 7.82 15.81
C TRP D 133 -17.79 7.19 17.00
N THR D 134 -16.54 7.51 17.24
CA THR D 134 -15.92 7.12 18.52
C THR D 134 -15.69 8.38 19.31
N ALA D 135 -16.26 8.45 20.52
CA ALA D 135 -16.09 9.61 21.36
C ALA D 135 -15.18 9.24 22.52
N ALA D 136 -14.28 10.15 22.91
CA ALA D 136 -13.20 9.80 23.81
C ALA D 136 -13.50 10.10 25.26
N ASP D 137 -14.57 10.86 25.49
CA ASP D 137 -14.80 11.70 26.66
C ASP D 137 -16.26 11.51 27.01
N MET D 138 -16.65 11.78 28.25
CA MET D 138 -18.08 11.93 28.54
C MET D 138 -18.70 13.11 27.78
N ALA D 139 -17.97 14.21 27.69
CA ALA D 139 -18.45 15.37 26.94
C ALA D 139 -18.67 15.04 25.46
N ALA D 140 -17.78 14.23 24.91
CA ALA D 140 -17.86 13.91 23.49
C ALA D 140 -19.03 12.96 23.24
N GLN D 141 -19.51 12.30 24.30
CA GLN D 141 -20.70 11.51 24.17
C GLN D 141 -21.92 12.37 23.86
N ILE D 142 -21.92 13.61 24.36
CA ILE D 142 -23.03 14.53 24.13
C ILE D 142 -23.03 14.91 22.66
N THR D 143 -21.86 15.28 22.14
CA THR D 143 -21.70 15.52 20.71
C THR D 143 -22.14 14.30 19.89
N ARG D 144 -21.67 13.10 20.27
CA ARG D 144 -22.00 11.89 19.51
C ARG D 144 -23.50 11.69 19.39
N ARG D 145 -24.21 11.83 20.51
CA ARG D 145 -25.67 11.68 20.49
C ARG D 145 -26.29 12.77 19.63
N LYS D 146 -25.79 14.00 19.75
CA LYS D 146 -26.26 15.08 18.90
C LYS D 146 -26.06 14.74 17.43
N TRP D 147 -24.94 14.11 17.09
CA TRP D 147 -24.65 13.90 15.67
C TRP D 147 -25.30 12.63 15.15
N GLU D 148 -25.68 11.74 16.05
CA GLU D 148 -26.48 10.60 15.65
C GLU D 148 -27.89 11.04 15.34
N GLN D 149 -28.40 12.00 16.10
CA GLN D 149 -29.72 12.53 15.83
C GLN D 149 -29.77 13.31 14.54
N SER D 150 -28.66 13.97 14.17
CA SER D 150 -28.65 14.88 13.00
C SER D 150 -28.15 14.25 11.72
N GLY D 151 -27.61 13.04 11.83
CA GLY D 151 -27.13 12.31 10.66
C GLY D 151 -25.88 12.94 10.10
N ALA D 152 -25.07 13.52 10.99
CA ALA D 152 -23.82 14.16 10.56
C ALA D 152 -22.90 13.20 9.84
N ALA D 153 -22.78 11.97 10.33
CA ALA D 153 -21.92 10.99 9.61
C ALA D 153 -22.21 10.86 8.12
N GLU D 154 -23.49 10.85 7.73
CA GLU D 154 -23.86 10.74 6.31
C GLU D 154 -23.42 11.95 5.50
N HIS D 155 -23.52 13.12 6.13
CA HIS D 155 -23.04 14.35 5.53
C HIS D 155 -21.53 14.27 5.22
N TYR D 156 -20.75 13.82 6.19
CA TYR D 156 -19.29 13.69 5.98
C TYR D 156 -18.89 12.53 5.06
N LYS D 157 -19.61 11.42 5.15
CA LYS D 157 -19.37 10.32 4.22
C LYS D 157 -19.55 10.78 2.77
N ALA D 158 -20.61 11.55 2.50
CA ALA D 158 -20.88 12.04 1.15
C ALA D 158 -19.80 12.95 0.61
N TYR D 159 -19.21 13.74 1.50
CA TYR D 159 -18.06 14.58 1.14
C TYR D 159 -16.83 13.68 0.92
N LEU D 160 -16.61 12.74 1.83
CA LEU D 160 -15.42 11.92 1.73
C LEU D 160 -15.43 11.05 0.47
N GLU D 161 -16.58 10.44 0.14
CA GLU D 161 -16.63 9.56 -1.03
C GLU D 161 -16.80 10.29 -2.36
N GLY D 162 -17.28 11.53 -2.33
CA GLY D 162 -17.56 12.25 -3.56
C GLY D 162 -16.58 13.39 -3.77
N GLU D 163 -16.92 14.57 -3.28
CA GLU D 163 -16.07 15.74 -3.48
C GLU D 163 -14.60 15.49 -3.15
N CYS D 164 -14.31 14.86 -2.01
CA CYS D 164 -12.91 14.67 -1.63
C CYS D 164 -12.12 13.94 -2.72
N VAL D 165 -12.63 12.79 -3.14
CA VAL D 165 -11.98 11.93 -4.12
C VAL D 165 -11.92 12.59 -5.47
N GLU D 166 -12.99 13.29 -5.82
CA GLU D 166 -13.09 13.87 -7.15
C GLU D 166 -12.15 15.05 -7.30
N TRP D 167 -12.16 15.94 -6.33
CA TRP D 167 -11.22 17.07 -6.35
C TRP D 167 -9.77 16.65 -6.15
N LEU D 168 -9.47 15.75 -5.22
CA LEU D 168 -8.10 15.24 -5.18
C LEU D 168 -7.64 14.81 -6.56
N HIS D 169 -8.49 14.09 -7.29
CA HIS D 169 -8.05 13.56 -8.58
C HIS D 169 -7.73 14.71 -9.52
N ARG D 170 -8.61 15.72 -9.55
CA ARG D 170 -8.35 16.93 -10.34
C ARG D 170 -7.04 17.62 -9.93
N TYR D 171 -6.77 17.70 -8.62
CA TYR D 171 -5.52 18.36 -8.18
C TYR D 171 -4.30 17.54 -8.58
N LEU D 172 -4.43 16.22 -8.59
CA LEU D 172 -3.29 15.42 -9.02
C LEU D 172 -3.02 15.65 -10.51
N LYS D 173 -4.07 15.84 -11.28
CA LYS D 173 -3.92 16.03 -12.71
C LYS D 173 -3.29 17.39 -12.96
N ASN D 174 -3.79 18.41 -12.27
CA ASN D 174 -3.30 19.77 -12.44
C ASN D 174 -1.85 19.92 -12.02
N GLY D 175 -1.48 19.30 -10.91
CA GLY D 175 -0.09 19.42 -10.45
C GLY D 175 0.70 18.19 -10.80
N ASN D 176 0.26 17.45 -11.82
CA ASN D 176 0.79 16.10 -12.02
C ASN D 176 2.30 16.00 -12.06
N ALA D 177 2.93 16.86 -12.85
CA ALA D 177 4.40 16.85 -12.97
C ALA D 177 5.09 17.21 -11.66
N THR D 178 4.57 18.20 -10.97
CA THR D 178 5.13 18.65 -9.68
C THR D 178 5.04 17.58 -8.59
N LEU D 179 3.88 16.92 -8.49
CA LEU D 179 3.66 15.88 -7.48
C LEU D 179 4.52 14.64 -7.69
N LEU D 180 4.85 14.35 -8.93
CA LEU D 180 5.59 13.13 -9.24
C LEU D 180 7.07 13.28 -8.94
N ARG D 181 7.51 14.52 -8.70
CA ARG D 181 8.94 14.78 -8.58
C ARG D 181 9.47 14.20 -7.28
N THR D 182 10.61 13.52 -7.35
CA THR D 182 11.33 13.11 -6.16
C THR D 182 12.73 13.72 -6.24
N ASP D 183 13.35 13.92 -5.09
CA ASP D 183 14.75 14.36 -5.04
C ASP D 183 15.47 13.31 -4.26
N SER D 184 16.47 12.69 -4.85
CA SER D 184 17.15 11.60 -4.16
C SER D 184 18.08 12.17 -3.09
N PRO D 185 18.27 11.42 -2.00
CA PRO D 185 19.23 11.87 -0.98
C PRO D 185 20.69 11.84 -1.47
N LYS D 186 21.47 12.84 -1.08
CA LYS D 186 22.91 12.76 -1.17
C LYS D 186 23.40 12.36 0.20
N ALA D 187 24.27 11.36 0.28
CA ALA D 187 24.69 10.85 1.58
C ALA D 187 26.21 10.94 1.76
N HIS D 188 26.63 11.09 3.01
CA HIS D 188 28.03 11.00 3.38
C HIS D 188 28.14 10.62 4.82
N VAL D 189 29.28 10.04 5.19
CA VAL D 189 29.53 9.65 6.55
C VAL D 189 30.59 10.57 7.17
N THR D 190 30.36 11.00 8.40
CA THR D 190 31.29 11.87 9.09
C THR D 190 31.78 11.10 10.31
N HIS D 191 32.84 11.59 10.92
CA HIS D 191 33.55 10.87 11.96
C HIS D 191 33.91 11.85 13.07
N HIS D 192 33.62 11.48 14.32
CA HIS D 192 33.76 12.41 15.42
C HIS D 192 34.32 11.73 16.66
N PRO D 193 35.17 12.43 17.43
CA PRO D 193 35.67 11.84 18.67
C PRO D 193 34.53 11.60 19.64
N ARG D 194 34.68 10.67 20.59
CA ARG D 194 33.55 10.40 21.48
C ARG D 194 33.82 10.13 22.96
N SER D 195 34.50 9.03 23.26
CA SER D 195 35.05 8.75 24.59
C SER D 195 36.33 7.96 24.34
N LYS D 196 37.08 7.65 25.40
CA LYS D 196 38.35 6.94 25.25
C LYS D 196 38.28 5.69 24.37
N GLY D 197 38.86 5.79 23.18
CA GLY D 197 39.00 4.64 22.29
C GLY D 197 37.77 4.34 21.46
N GLU D 198 36.82 5.27 21.43
CA GLU D 198 35.60 5.10 20.66
C GLU D 198 35.34 6.34 19.86
N VAL D 199 34.71 6.17 18.71
CA VAL D 199 34.39 7.30 17.86
C VAL D 199 32.94 7.18 17.39
N THR D 200 32.38 8.28 16.91
CA THR D 200 31.02 8.26 16.36
C THR D 200 31.10 8.32 14.86
N LEU D 201 30.39 7.43 14.18
CA LEU D 201 30.22 7.53 12.72
C LEU D 201 28.78 7.98 12.50
N ARG D 202 28.59 9.02 11.71
CA ARG D 202 27.25 9.57 11.51
C ARG D 202 26.90 9.57 10.06
N CYS D 203 25.85 8.84 9.68
CA CYS D 203 25.50 8.75 8.27
C CYS D 203 24.44 9.80 7.95
N TRP D 204 24.68 10.63 6.94
CA TRP D 204 23.82 11.78 6.68
C TRP D 204 23.10 11.58 5.38
N ALA D 205 21.84 11.99 5.32
CA ALA D 205 21.15 11.98 4.06
C ALA D 205 20.51 13.35 3.90
N LEU D 206 20.86 14.04 2.82
CA LEU D 206 20.46 15.41 2.64
C LEU D 206 19.74 15.68 1.32
N GLY D 207 18.83 16.64 1.33
CA GLY D 207 18.33 17.17 0.09
C GLY D 207 17.30 16.28 -0.54
N PHE D 208 16.61 15.48 0.28
CA PHE D 208 15.66 14.50 -0.28
C PHE D 208 14.18 14.90 -0.21
N TYR D 209 13.40 14.34 -1.12
CA TYR D 209 11.97 14.51 -1.12
C TYR D 209 11.33 13.34 -1.89
N PRO D 210 10.25 12.76 -1.36
CA PRO D 210 9.51 13.03 -0.11
C PRO D 210 10.27 12.76 1.18
N ALA D 211 9.63 13.06 2.31
CA ALA D 211 10.29 12.92 3.62
C ALA D 211 10.59 11.48 4.03
N ASP D 212 9.85 10.53 3.45
CA ASP D 212 10.00 9.13 3.85
C ASP D 212 11.38 8.62 3.51
N ILE D 213 12.06 8.05 4.51
CA ILE D 213 13.43 7.54 4.30
C ILE D 213 13.79 6.55 5.41
N THR D 214 14.71 5.64 5.09
CA THR D 214 15.24 4.70 6.08
C THR D 214 16.76 4.64 5.99
N LEU D 215 17.41 4.78 7.13
CA LEU D 215 18.86 4.75 7.26
C LEU D 215 19.22 3.58 8.12
N THR D 216 20.24 2.82 7.75
CA THR D 216 20.63 1.70 8.59
C THR D 216 22.15 1.62 8.68
N TRP D 217 22.64 1.03 9.76
CA TRP D 217 24.07 0.74 9.89
C TRP D 217 24.25 -0.76 9.98
N GLN D 218 25.36 -1.26 9.46
CA GLN D 218 25.67 -2.66 9.66
C GLN D 218 27.11 -2.85 10.05
N LEU D 219 27.35 -3.89 10.84
CA LEU D 219 28.71 -4.30 11.17
C LEU D 219 28.97 -5.60 10.42
N ASN D 220 29.89 -5.56 9.47
CA ASN D 220 30.22 -6.72 8.66
C ASN D 220 28.93 -7.32 8.09
N GLY D 221 28.06 -6.46 7.56
CA GLY D 221 26.82 -6.92 6.92
C GLY D 221 25.70 -7.33 7.86
N GLU D 222 25.96 -7.30 9.17
CA GLU D 222 24.94 -7.61 10.17
C GLU D 222 24.32 -6.35 10.74
N GLU D 223 23.00 -6.36 10.88
CA GLU D 223 22.26 -5.16 11.27
C GLU D 223 22.61 -4.62 12.66
N LEU D 224 22.32 -3.34 12.87
CA LEU D 224 22.58 -2.64 14.13
C LEU D 224 21.36 -1.83 14.58
N THR D 225 20.89 -2.09 15.79
CA THR D 225 19.66 -1.47 16.26
C THR D 225 19.53 -0.93 17.72
N GLN D 226 20.10 -1.51 18.79
CA GLN D 226 21.46 -1.97 19.00
C GLN D 226 22.46 -0.80 19.01
N ASP D 227 22.18 0.25 19.79
CA ASP D 227 23.01 1.47 19.81
C ASP D 227 23.07 2.18 18.46
N MET D 228 21.91 2.59 17.96
CA MET D 228 21.89 3.51 16.85
C MET D 228 21.03 4.70 17.22
N GLU D 229 21.63 5.89 17.19
CA GLU D 229 20.92 7.13 17.45
C GLU D 229 20.49 7.71 16.13
N LEU D 230 19.24 8.12 16.02
CA LEU D 230 18.83 8.82 14.81
C LEU D 230 17.85 9.95 15.09
N VAL D 231 18.00 11.06 14.36
CA VAL D 231 17.14 12.22 14.57
C VAL D 231 15.88 12.12 13.78
N GLU D 232 14.88 12.91 14.21
CA GLU D 232 13.64 13.01 13.48
C GLU D 232 13.99 13.67 12.19
N THR D 233 13.36 13.22 11.11
CA THR D 233 13.55 13.87 9.83
C THR D 233 13.15 15.32 9.98
N ARG D 234 13.86 16.22 9.29
CA ARG D 234 13.68 17.63 9.52
C ARG D 234 13.81 18.39 8.19
N PRO D 235 13.08 19.49 8.04
CA PRO D 235 13.15 20.26 6.81
C PRO D 235 14.42 21.07 6.62
N ALA D 236 15.00 21.05 5.42
CA ALA D 236 16.12 21.91 5.12
C ALA D 236 15.65 23.35 5.01
N GLY D 237 14.36 23.53 4.74
CA GLY D 237 13.75 24.87 4.57
C GLY D 237 13.59 25.26 3.10
N ASP D 238 14.13 24.44 2.20
CA ASP D 238 14.04 24.69 0.76
C ASP D 238 13.07 23.71 0.11
N GLY D 239 12.32 23.00 0.93
CA GLY D 239 11.38 22.01 0.38
C GLY D 239 11.86 20.57 0.51
N THR D 240 13.17 20.40 0.73
CA THR D 240 13.73 19.05 0.89
C THR D 240 13.95 18.77 2.38
N PHE D 241 14.44 17.57 2.69
CA PHE D 241 14.53 17.11 4.07
C PHE D 241 15.91 16.57 4.43
N GLN D 242 16.16 16.33 5.71
CA GLN D 242 17.46 15.85 6.17
C GLN D 242 17.25 14.80 7.24
N LYS D 243 18.19 13.87 7.39
CA LYS D 243 18.10 12.92 8.47
C LYS D 243 19.51 12.38 8.67
N TRP D 244 19.85 11.98 9.89
CA TRP D 244 21.08 11.21 10.10
C TRP D 244 20.93 10.12 11.12
N ALA D 245 21.90 9.19 11.11
CA ALA D 245 21.87 8.05 12.01
C ALA D 245 23.33 7.83 12.41
N SER D 246 23.62 7.55 13.67
CA SER D 246 25.00 7.44 14.08
C SER D 246 25.19 6.21 14.93
N VAL D 247 26.41 5.68 14.94
CA VAL D 247 26.75 4.55 15.79
C VAL D 247 28.10 4.84 16.44
N VAL D 248 28.31 4.28 17.62
CA VAL D 248 29.56 4.42 18.34
C VAL D 248 30.38 3.15 18.09
N VAL D 249 31.64 3.35 17.77
CA VAL D 249 32.48 2.34 17.12
C VAL D 249 33.89 2.38 17.73
N PRO D 250 34.55 1.21 17.91
CA PRO D 250 35.93 1.24 18.39
C PRO D 250 36.83 1.98 17.42
N LEU D 251 37.71 2.83 17.94
CA LEU D 251 38.74 3.49 17.16
C LEU D 251 39.53 2.44 16.40
N GLY D 252 39.76 2.67 15.10
CA GLY D 252 40.48 1.70 14.26
C GLY D 252 39.57 0.75 13.48
N LYS D 253 38.34 0.59 13.96
CA LYS D 253 37.42 -0.40 13.40
C LYS D 253 36.34 0.23 12.52
N GLU D 254 36.55 1.45 12.04
CA GLU D 254 35.50 2.21 11.37
C GLU D 254 35.17 1.65 9.99
N GLN D 255 36.09 0.87 9.42
CA GLN D 255 35.89 0.32 8.08
C GLN D 255 35.08 -0.96 8.13
N ASN D 256 34.75 -1.42 9.33
CA ASN D 256 33.88 -2.58 9.49
C ASN D 256 32.41 -2.19 9.33
N TYR D 257 32.13 -0.89 9.37
CA TYR D 257 30.75 -0.43 9.40
C TYR D 257 30.30 0.17 8.09
N THR D 258 29.05 -0.12 7.74
CA THR D 258 28.47 0.26 6.46
C THR D 258 27.10 0.92 6.72
N CYS D 259 26.82 2.01 6.03
CA CYS D 259 25.51 2.70 6.14
C CYS D 259 24.72 2.46 4.87
N ARG D 260 23.45 2.14 5.01
CA ARG D 260 22.59 1.97 3.85
C ARG D 260 21.43 2.95 3.91
N VAL D 261 21.17 3.61 2.80
CA VAL D 261 20.10 4.61 2.71
C VAL D 261 19.02 4.15 1.72
N TYR D 262 17.77 4.08 2.18
CA TYR D 262 16.66 3.62 1.33
C TYR D 262 15.69 4.77 1.11
N HIS D 263 15.51 5.19 -0.14
CA HIS D 263 14.57 6.25 -0.46
C HIS D 263 13.97 5.99 -1.83
N GLU D 264 12.74 6.43 -2.07
CA GLU D 264 12.02 6.04 -3.28
C GLU D 264 12.53 6.78 -4.50
N GLY D 265 13.36 7.79 -4.29
CA GLY D 265 13.92 8.56 -5.41
C GLY D 265 15.14 7.88 -5.98
N LEU D 266 15.69 6.92 -5.23
CA LEU D 266 16.91 6.21 -5.60
C LEU D 266 16.66 5.06 -6.60
N PRO D 267 17.53 4.92 -7.61
CA PRO D 267 17.42 3.77 -8.51
C PRO D 267 17.73 2.47 -7.78
N GLU D 268 18.52 2.58 -6.70
CA GLU D 268 18.60 1.53 -5.69
C GLU D 268 19.30 2.07 -4.45
N PRO D 269 19.14 1.39 -3.30
CA PRO D 269 19.65 1.88 -2.03
C PRO D 269 21.14 2.20 -2.06
N LEU D 270 21.55 3.23 -1.32
CA LEU D 270 22.95 3.60 -1.26
C LEU D 270 23.63 2.79 -0.17
N THR D 271 24.86 2.37 -0.45
CA THR D 271 25.71 1.80 0.57
C THR D 271 26.91 2.69 0.66
N LEU D 272 27.28 3.08 1.88
CA LEU D 272 28.48 3.91 2.05
C LEU D 272 29.24 3.62 3.33
N ARG D 273 30.46 4.15 3.39
CA ARG D 273 31.27 3.97 4.59
C ARG D 273 32.08 5.22 4.86
N TRP D 274 32.68 5.27 6.05
CA TRP D 274 33.63 6.33 6.38
C TRP D 274 34.81 6.33 5.40
N GLU D 275 34.98 7.42 4.67
CA GLU D 275 36.10 7.58 3.75
C GLU D 275 36.99 8.74 4.16
N PRO D 276 38.11 8.42 4.84
CA PRO D 276 39.05 9.44 5.29
C PRO D 276 39.84 9.97 4.10
N ILE E 1 -0.05 23.77 27.96
CA ILE E 1 0.85 23.46 29.10
C ILE E 1 1.16 21.96 29.14
N GLN E 2 0.59 21.21 28.22
CA GLN E 2 0.69 19.75 28.32
C GLN E 2 1.74 19.05 27.43
N LYS E 3 2.12 19.63 26.29
CA LYS E 3 3.16 19.03 25.44
C LYS E 3 4.39 19.93 25.26
N THR E 4 5.56 19.44 25.71
CA THR E 4 6.81 20.21 25.71
C THR E 4 7.59 20.13 24.38
N PRO E 5 8.05 21.28 23.87
CA PRO E 5 8.68 21.28 22.55
C PRO E 5 9.98 20.50 22.49
N GLN E 6 10.23 19.85 21.36
CA GLN E 6 11.47 19.20 21.05
C GLN E 6 12.12 20.15 20.08
N ILE E 7 13.45 20.24 20.08
CA ILE E 7 14.14 21.27 19.31
C ILE E 7 15.32 20.68 18.59
N GLN E 8 15.50 21.06 17.30
CA GLN E 8 16.69 20.70 16.55
C GLN E 8 17.21 21.99 15.98
N VAL E 9 18.52 22.25 16.13
CA VAL E 9 19.15 23.41 15.51
C VAL E 9 20.17 22.91 14.51
N TYR E 10 20.10 23.39 13.26
CA TYR E 10 20.97 22.81 12.25
C TYR E 10 21.00 23.73 11.07
N SER E 11 22.02 23.59 10.22
CA SER E 11 22.10 24.40 9.02
C SER E 11 21.42 23.75 7.82
N ARG E 12 21.04 24.55 6.83
CA ARG E 12 20.40 24.02 5.62
C ARG E 12 21.44 23.30 4.76
N HIS E 13 22.63 23.88 4.69
CA HIS E 13 23.74 23.27 3.95
C HIS E 13 24.83 22.82 4.90
N PRO E 14 25.67 21.87 4.47
CA PRO E 14 26.80 21.54 5.32
C PRO E 14 27.61 22.80 5.62
N PRO E 15 27.98 23.02 6.89
CA PRO E 15 28.62 24.29 7.21
C PRO E 15 30.06 24.39 6.69
N GLU E 16 30.39 25.54 6.11
CA GLU E 16 31.77 25.85 5.74
C GLU E 16 32.09 27.23 6.29
N ASN E 17 33.15 27.34 7.09
CA ASN E 17 33.46 28.60 7.73
C ASN E 17 33.61 29.69 6.69
N GLY E 18 32.96 30.83 6.90
CA GLY E 18 33.05 31.93 5.96
C GLY E 18 32.06 31.91 4.82
N LYS E 19 31.31 30.82 4.66
CA LYS E 19 30.33 30.73 3.57
C LYS E 19 28.89 30.88 4.05
N PRO E 20 28.12 31.79 3.41
CA PRO E 20 26.77 32.07 3.92
C PRO E 20 25.92 30.84 3.78
N ASN E 21 24.99 30.68 4.72
CA ASN E 21 24.24 29.46 4.91
C ASN E 21 22.93 29.90 5.56
N ILE E 22 22.11 28.94 5.99
CA ILE E 22 20.91 29.29 6.71
C ILE E 22 20.84 28.45 7.95
N LEU E 23 20.54 29.04 9.10
CA LEU E 23 20.44 28.26 10.33
C LEU E 23 18.98 28.06 10.63
N ASN E 24 18.59 26.81 10.94
CA ASN E 24 17.22 26.51 11.27
C ASN E 24 17.08 26.15 12.71
N CYS E 25 15.91 26.42 13.27
CA CYS E 25 15.55 25.91 14.60
C CYS E 25 14.17 25.32 14.39
N TYR E 26 14.09 24.00 14.35
CA TYR E 26 12.84 23.31 14.09
C TYR E 26 12.25 22.91 15.44
N VAL E 27 11.05 23.37 15.77
CA VAL E 27 10.46 23.04 17.08
C VAL E 27 9.17 22.27 16.85
N THR E 28 8.93 21.21 17.61
CA THR E 28 7.87 20.27 17.27
C THR E 28 7.28 19.75 18.57
N GLN E 29 6.17 19.01 18.46
CA GLN E 29 5.58 18.29 19.58
C GLN E 29 5.02 19.16 20.69
N PHE E 30 4.57 20.37 20.37
CA PHE E 30 4.13 21.26 21.44
C PHE E 30 2.64 21.63 21.37
N HIS E 31 2.05 21.89 22.53
CA HIS E 31 0.67 22.30 22.57
C HIS E 31 0.52 23.03 23.90
N PRO E 32 -0.14 24.20 23.92
CA PRO E 32 -0.83 24.94 22.85
C PRO E 32 0.10 25.53 21.77
N PRO E 33 -0.48 26.07 20.70
CA PRO E 33 0.34 26.58 19.61
C PRO E 33 1.08 27.89 19.88
N HIS E 34 0.74 28.62 20.93
CA HIS E 34 1.48 29.84 21.17
C HIS E 34 2.86 29.56 21.74
N ILE E 35 3.89 30.07 21.07
CA ILE E 35 5.26 29.78 21.46
C ILE E 35 6.13 30.98 21.12
N GLU E 36 7.21 31.18 21.87
CA GLU E 36 8.16 32.25 21.52
C GLU E 36 9.53 31.68 21.22
N ILE E 37 10.09 32.06 20.07
CA ILE E 37 11.36 31.50 19.61
C ILE E 37 12.33 32.62 19.28
N GLN E 38 13.56 32.50 19.78
CA GLN E 38 14.60 33.49 19.59
C GLN E 38 15.85 32.77 19.13
N MET E 39 16.49 33.28 18.09
CA MET E 39 17.75 32.71 17.66
C MET E 39 18.83 33.68 18.09
N LEU E 40 19.97 33.16 18.52
CA LEU E 40 20.94 33.97 19.25
C LEU E 40 22.31 33.73 18.62
N LYS E 41 23.09 34.79 18.42
CA LYS E 41 24.44 34.66 17.94
C LYS E 41 25.35 35.19 19.04
N ASN E 42 26.22 34.34 19.58
CA ASN E 42 27.06 34.74 20.70
C ASN E 42 26.28 35.34 21.87
N GLY E 43 25.09 34.79 22.11
CA GLY E 43 24.29 35.25 23.23
C GLY E 43 23.38 36.43 22.92
N LYS E 44 23.53 37.03 21.74
CA LYS E 44 22.71 38.20 21.35
C LYS E 44 21.58 37.82 20.40
N LYS E 45 20.41 38.45 20.57
CA LYS E 45 19.28 38.18 19.67
C LYS E 45 19.55 38.55 18.22
N ILE E 46 19.22 37.63 17.31
CA ILE E 46 19.32 37.91 15.88
C ILE E 46 17.99 38.55 15.44
N PRO E 47 18.07 39.64 14.64
CA PRO E 47 16.86 40.43 14.41
C PRO E 47 15.95 39.88 13.30
N LYS E 48 16.51 39.59 12.13
CA LYS E 48 15.67 39.23 10.98
C LYS E 48 15.38 37.72 10.92
N VAL E 49 14.77 37.19 11.97
CA VAL E 49 14.42 35.76 12.03
C VAL E 49 13.06 35.50 11.38
N GLU E 50 13.03 34.61 10.40
CA GLU E 50 11.80 34.23 9.70
C GLU E 50 11.19 33.05 10.37
N MET E 51 9.86 32.95 10.35
CA MET E 51 9.17 31.84 10.96
C MET E 51 8.17 31.28 9.95
N SER E 52 8.14 29.95 9.81
CA SER E 52 7.13 29.31 8.95
C SER E 52 5.75 29.54 9.57
N ASP E 53 4.68 29.26 8.81
CA ASP E 53 3.32 29.50 9.30
C ASP E 53 2.87 28.33 10.17
N MET E 54 1.91 28.59 11.04
CA MET E 54 1.40 27.58 12.00
C MET E 54 0.98 26.32 11.29
N SER E 55 1.53 25.16 11.68
CA SER E 55 1.09 23.86 11.16
C SER E 55 0.99 22.86 12.32
N PHE E 56 0.19 21.81 12.14
CA PHE E 56 0.16 20.72 13.12
C PHE E 56 0.31 19.36 12.48
N SER E 57 0.67 18.37 13.30
CA SER E 57 0.94 17.02 12.84
C SER E 57 -0.24 16.13 13.09
N LYS E 58 -0.21 14.91 12.56
CA LYS E 58 -1.38 14.04 12.67
C LYS E 58 -1.62 13.61 14.12
N ASP E 59 -0.66 13.89 15.01
CA ASP E 59 -0.87 13.61 16.45
C ASP E 59 -1.43 14.82 17.20
N TRP E 60 -1.68 15.90 16.45
CA TRP E 60 -2.39 17.13 16.86
C TRP E 60 -1.38 18.18 17.32
N SER E 61 -0.12 17.81 17.50
CA SER E 61 0.86 18.74 18.09
C SER E 61 1.34 19.67 17.00
N PHE E 62 1.83 20.85 17.39
CA PHE E 62 2.20 21.86 16.43
C PHE E 62 3.69 21.84 16.15
N TYR E 63 4.07 22.43 15.04
CA TYR E 63 5.46 22.56 14.72
C TYR E 63 5.71 23.83 13.91
N ILE E 64 6.94 24.30 14.01
CA ILE E 64 7.31 25.54 13.37
C ILE E 64 8.79 25.48 13.03
N LEU E 65 9.16 26.12 11.94
CA LEU E 65 10.54 26.26 11.55
C LEU E 65 10.93 27.73 11.59
N ALA E 66 11.82 28.07 12.52
CA ALA E 66 12.45 29.39 12.59
C ALA E 66 13.74 29.35 11.78
N HIS E 67 14.02 30.36 10.99
CA HIS E 67 15.27 30.35 10.22
C HIS E 67 15.87 31.75 10.03
N THR E 68 17.20 31.79 9.85
CA THR E 68 17.89 33.05 9.66
C THR E 68 19.14 32.83 8.81
N GLU E 69 19.48 33.77 7.94
CA GLU E 69 20.75 33.69 7.21
C GLU E 69 21.91 33.83 8.20
N PHE E 70 22.98 33.07 7.99
CA PHE E 70 24.14 33.18 8.86
C PHE E 70 25.36 32.67 8.14
N THR E 71 26.52 33.17 8.55
CA THR E 71 27.78 32.71 8.00
C THR E 71 28.57 32.10 9.16
N PRO E 72 28.66 30.76 9.21
CA PRO E 72 29.39 30.10 10.30
C PRO E 72 30.84 30.53 10.32
N THR E 73 31.42 30.58 11.50
CA THR E 73 32.86 30.76 11.58
C THR E 73 33.38 29.81 12.62
N GLU E 74 34.69 29.82 12.81
CA GLU E 74 35.29 28.87 13.72
C GLU E 74 34.76 29.05 15.15
N THR E 75 34.50 30.28 15.55
CA THR E 75 34.25 30.56 16.97
C THR E 75 32.86 31.06 17.34
N ASP E 76 32.09 31.61 16.40
CA ASP E 76 30.75 32.11 16.72
C ASP E 76 29.85 30.99 17.22
N THR E 77 29.08 31.25 18.27
CA THR E 77 28.13 30.24 18.71
C THR E 77 26.70 30.68 18.47
N TYR E 78 25.86 29.71 18.13
CA TYR E 78 24.49 30.02 17.73
C TYR E 78 23.58 29.16 18.55
N ALA E 79 22.40 29.67 18.85
CA ALA E 79 21.48 28.90 19.64
C ALA E 79 20.05 29.28 19.31
N CYS E 80 19.12 28.49 19.83
CA CYS E 80 17.72 28.77 19.65
C CYS E 80 17.11 28.68 21.04
N ARG E 81 16.37 29.70 21.44
CA ARG E 81 15.82 29.73 22.79
C ARG E 81 14.29 29.82 22.68
N VAL E 82 13.60 28.91 23.37
CA VAL E 82 12.19 28.68 23.16
C VAL E 82 11.47 28.85 24.48
N LYS E 83 10.41 29.66 24.48
CA LYS E 83 9.59 29.86 25.66
C LYS E 83 8.20 29.28 25.38
N HIS E 84 7.72 28.41 26.27
CA HIS E 84 6.43 27.77 26.09
C HIS E 84 5.77 27.44 27.44
N ASP E 85 4.45 27.51 27.48
CA ASP E 85 3.68 27.24 28.71
C ASP E 85 3.99 25.93 29.39
N SER E 86 4.45 24.94 28.64
CA SER E 86 4.67 23.61 29.19
C SER E 86 5.97 23.48 29.98
N MET E 87 6.85 24.46 29.83
CA MET E 87 8.13 24.42 30.54
C MET E 87 8.25 25.54 31.55
N ALA E 88 8.82 25.21 32.70
CA ALA E 88 9.02 26.17 33.79
C ALA E 88 9.92 27.33 33.36
N GLU E 89 10.90 27.03 32.50
CA GLU E 89 11.78 28.07 31.98
C GLU E 89 12.12 27.84 30.52
N PRO E 90 12.57 28.88 29.81
CA PRO E 90 13.01 28.75 28.43
C PRO E 90 14.01 27.61 28.23
N LYS E 91 13.96 26.98 27.06
CA LYS E 91 14.91 25.93 26.75
C LYS E 91 15.81 26.48 25.67
N THR E 92 17.12 26.42 25.89
CA THR E 92 18.07 26.89 24.89
C THR E 92 18.82 25.67 24.34
N VAL E 93 18.96 25.61 23.02
CA VAL E 93 19.76 24.56 22.45
C VAL E 93 20.73 25.16 21.45
N TYR E 94 21.99 24.76 21.59
CA TYR E 94 23.07 25.33 20.81
C TYR E 94 23.30 24.52 19.57
N TRP E 95 23.70 25.19 18.51
CA TRP E 95 23.98 24.54 17.30
C TRP E 95 25.24 23.73 17.52
N ASP E 96 25.19 22.48 17.06
CA ASP E 96 26.40 21.63 17.04
C ASP E 96 26.65 21.37 15.59
N ARG E 97 27.75 21.87 15.03
CA ARG E 97 27.92 21.78 13.58
C ARG E 97 28.01 20.32 13.09
N ASP E 98 28.14 19.39 14.04
CA ASP E 98 28.33 17.98 13.71
C ASP E 98 27.00 17.22 13.66
N MET E 99 25.90 17.94 13.86
CA MET E 99 24.61 17.31 14.05
C MET E 99 23.48 18.06 13.33
N LYS F 1 -10.97 20.69 -2.37
CA LYS F 1 -12.11 21.51 -1.92
C LYS F 1 -12.42 21.13 -0.48
N VAL F 2 -12.58 22.14 0.37
CA VAL F 2 -12.71 21.97 1.82
C VAL F 2 -14.11 21.47 2.18
N PRO F 3 -14.22 20.64 3.26
CA PRO F 3 -15.54 20.26 3.72
C PRO F 3 -16.27 21.38 4.45
N ARG F 4 -17.59 21.31 4.48
CA ARG F 4 -18.39 22.16 5.36
C ARG F 4 -18.91 21.28 6.51
N ASN F 5 -18.72 21.70 7.75
CA ASN F 5 -19.15 20.88 8.88
C ASN F 5 -20.66 20.99 9.02
N GLN F 6 -21.28 20.03 9.71
CA GLN F 6 -22.73 20.03 9.83
C GLN F 6 -23.12 20.57 11.19
N ASP F 7 -23.78 19.78 12.02
CA ASP F 7 -24.13 20.28 13.35
C ASP F 7 -22.88 20.63 14.20
N TRP F 8 -23.04 21.61 15.10
CA TRP F 8 -21.95 22.01 16.01
C TRP F 8 -21.62 20.91 17.02
N LEU F 9 -20.45 21.00 17.66
CA LEU F 9 -20.05 20.03 18.65
C LEU F 9 -21.05 20.09 19.80
#